data_9GE7
#
_entry.id   9GE7
#
_cell.length_a   1.00
_cell.length_b   1.00
_cell.length_c   1.00
_cell.angle_alpha   90.00
_cell.angle_beta   90.00
_cell.angle_gamma   90.00
#
_symmetry.space_group_name_H-M   'P 1'
#
loop_
_entity.id
_entity.type
_entity.pdbx_description
1 polymer 'Uncharacterized ABC transporter permease YbbP'
2 polymer 'Uncharacterized ABC transporter ATP-binding protein YbbA'
3 non-polymer 'PHOSPHOAMINOPHOSPHONIC ACID-ADENYLATE ESTER'
4 non-polymer 'MAGNESIUM ION'
#
loop_
_entity_poly.entity_id
_entity_poly.type
_entity_poly.pdbx_seq_one_letter_code
_entity_poly.pdbx_strand_id
1 'polypeptide(L)'
;MIARWFWREWRSPSLLIVWLALSLAVACVLALGNISDRMEKGLSQQSREFMAGDRALRSSREVPQAWLEEAQKRGLKVGK
QLTFATMTFAGDTPQLANVKAVDDIYPMYGDLQTNPPGLKPQAGSVLLAPRLMALLNLKTGDTIDVGDATLRIAGEVIQE
PDSGFNPFQMAPRLMMNLADVDKTGAVQPGSRVTWRYKFGGNENQLDGYEKWLLPQLKPEQRWYGLEQDEGALGRSMERS
QQFLLLSALLTLLLAVAAVAVAMNHYCRSRYDLVAILKTLGAGRAQLRKLIVGQWLMVLTLSAVTGGAIGLLFENVLMVL
LKPVLPAALPPASLWPWLWALGTMTVISLLVGLRPYRLLLATQPLRVLRNDVVANVWPLKFYLPIVSVVVVLLLAGLMGG
SMLLWAVLAGAVVLALLCGVLGWMLLNVLRRMTLKSLPLRLAVSRLLRQPWSTLSQLSAFSLSFMLLALLLVLRGDLLDR
WQQQLPPESPNYFLINIATEQVAPLKAFLAEHQIVPESFYPVVRARLTAINDKPTEGNEDEALNRELNLTWQNTRPDHNP
IVAGNWPPKADEVSMEEGLAKRLNVALGDTVTFMGDTQEFRAKVTSLRKVDWESLRPNFYFIFPEGALDGQPQSWLTSFR
WENGNGMLTQLNRQFPTISLLDIGAILKQVGQVLEQVSRALEVMVVLVTACGMLLLLAQVQVGMRQRHQELVVWRTLGAG
KKLLRTTLWCEFAMLGFVSGLVAAIGAETALAVLQAKVFDFPWEPDWRLWIVLPCSGALLLSLFGGWLGARLVKGKALFR
QFAG
;
A
2 'polypeptide(L)'
;MGSSHHHHHHSQDPMPAENIVEVHHLKKSVGQGEHELSILTGVELVVKRGETIALVGESGSGKSTLLAILAGLDDGSSGE
VSLVGQPLHNMDEEARAKLRAKHVGFVFQSFMLIPTLNALENVELPALLRGESSAESRNGAKALLEQLGLGKRLDHLPAQ
LSGGEQQRVALARAFNGRPDVLFADEPTGNLDRQTGDKIADLLFSLNREHGTTLIMVTHDLQLAARCDRCLRLVNGQLQE
EA
;
B,C
#
# COMPACT_ATOMS: atom_id res chain seq x y z
N MET A 1 -12.40 7.88 -31.93
CA MET A 1 -10.95 7.88 -32.03
C MET A 1 -10.37 7.97 -30.63
N ILE A 2 -10.85 8.94 -29.87
CA ILE A 2 -10.36 9.11 -28.50
C ILE A 2 -10.75 7.92 -27.64
N ALA A 3 -11.94 7.36 -27.86
CA ALA A 3 -12.37 6.20 -27.11
C ALA A 3 -11.49 4.99 -27.39
N ARG A 4 -11.21 4.74 -28.68
CA ARG A 4 -10.37 3.61 -29.02
C ARG A 4 -8.97 3.79 -28.47
N TRP A 5 -8.46 5.02 -28.50
CA TRP A 5 -7.17 5.29 -27.89
C TRP A 5 -7.18 4.98 -26.40
N PHE A 6 -8.22 5.41 -25.70
CA PHE A 6 -8.27 5.14 -24.27
C PHE A 6 -8.33 3.66 -24.00
N TRP A 7 -9.13 2.93 -24.78
CA TRP A 7 -9.24 1.49 -24.56
C TRP A 7 -7.92 0.79 -24.86
N ARG A 8 -7.22 1.21 -25.91
CA ARG A 8 -5.92 0.62 -26.20
C ARG A 8 -4.93 0.87 -25.08
N GLU A 9 -4.93 2.09 -24.54
CA GLU A 9 -4.05 2.37 -23.41
C GLU A 9 -4.42 1.51 -22.22
N TRP A 10 -5.71 1.35 -21.96
CA TRP A 10 -6.18 0.61 -20.80
C TRP A 10 -5.81 -0.86 -20.87
N ARG A 11 -5.46 -1.38 -22.04
CA ARG A 11 -5.02 -2.76 -22.18
C ARG A 11 -3.52 -2.91 -22.05
N SER A 12 -2.76 -1.82 -22.02
CA SER A 12 -1.33 -1.92 -21.86
C SER A 12 -1.01 -2.41 -20.45
N PRO A 13 0.08 -3.16 -20.27
CA PRO A 13 0.34 -3.76 -18.95
C PRO A 13 0.44 -2.75 -17.82
N SER A 14 1.06 -1.60 -18.08
CA SER A 14 1.27 -0.63 -17.01
C SER A 14 -0.06 -0.06 -16.51
N LEU A 15 -0.88 0.44 -17.43
CA LEU A 15 -2.17 0.98 -17.03
C LEU A 15 -3.04 -0.10 -16.43
N LEU A 16 -2.92 -1.33 -16.95
CA LEU A 16 -3.72 -2.43 -16.43
C LEU A 16 -3.39 -2.70 -14.98
N ILE A 17 -2.11 -2.77 -14.65
CA ILE A 17 -1.76 -3.04 -13.26
C ILE A 17 -2.14 -1.85 -12.39
N VAL A 18 -2.02 -0.62 -12.89
CA VAL A 18 -2.41 0.52 -12.07
C VAL A 18 -3.90 0.45 -11.75
N TRP A 19 -4.72 0.18 -12.76
CA TRP A 19 -6.16 0.08 -12.53
C TRP A 19 -6.49 -1.03 -11.56
N LEU A 20 -5.83 -2.18 -11.73
CA LEU A 20 -6.09 -3.31 -10.84
C LEU A 20 -5.74 -2.97 -9.40
N ALA A 21 -4.59 -2.31 -9.19
CA ALA A 21 -4.18 -1.96 -7.84
C ALA A 21 -5.15 -0.98 -7.22
N LEU A 22 -5.57 0.04 -7.96
CA LEU A 22 -6.50 1.00 -7.39
C LEU A 22 -7.83 0.34 -7.05
N SER A 23 -8.33 -0.51 -7.95
CA SER A 23 -9.60 -1.17 -7.68
C SER A 23 -9.50 -2.07 -6.46
N LEU A 24 -8.38 -2.79 -6.33
CA LEU A 24 -8.19 -3.64 -5.17
C LEU A 24 -8.16 -2.81 -3.90
N ALA A 25 -7.49 -1.65 -3.93
CA ALA A 25 -7.44 -0.82 -2.74
C ALA A 25 -8.82 -0.33 -2.34
N VAL A 26 -9.61 0.10 -3.31
CA VAL A 26 -10.96 0.54 -3.02
C VAL A 26 -11.78 -0.60 -2.43
N ALA A 27 -11.69 -1.78 -3.03
CA ALA A 27 -12.45 -2.92 -2.51
C ALA A 27 -12.01 -3.26 -1.10
N CYS A 28 -10.70 -3.31 -0.85
CA CYS A 28 -10.12 -3.45 0.48
C CYS A 28 -10.83 -2.57 1.48
N VAL A 29 -10.72 -1.26 1.26
CA VAL A 29 -11.18 -0.34 2.28
C VAL A 29 -12.69 -0.44 2.46
N LEU A 30 -13.42 -0.50 1.35
CA LEU A 30 -14.88 -0.52 1.44
C LEU A 30 -15.36 -1.76 2.17
N ALA A 31 -14.92 -2.94 1.74
CA ALA A 31 -15.41 -4.17 2.35
C ALA A 31 -15.01 -4.26 3.81
N LEU A 32 -13.75 -3.93 4.12
CA LEU A 32 -13.31 -4.03 5.51
C LEU A 32 -14.08 -3.06 6.39
N GLY A 33 -14.25 -1.82 5.93
CA GLY A 33 -14.98 -0.86 6.73
C GLY A 33 -16.43 -1.27 6.92
N ASN A 34 -17.08 -1.76 5.87
CA ASN A 34 -18.47 -2.16 6.00
C ASN A 34 -18.62 -3.31 6.97
N ILE A 35 -17.78 -4.33 6.84
CA ILE A 35 -17.87 -5.47 7.74
C ILE A 35 -17.62 -5.03 9.18
N SER A 36 -16.59 -4.19 9.38
CA SER A 36 -16.29 -3.73 10.73
C SER A 36 -17.45 -2.96 11.33
N ASP A 37 -18.05 -2.05 10.56
CA ASP A 37 -19.13 -1.24 11.10
C ASP A 37 -20.35 -2.09 11.42
N ARG A 38 -20.71 -3.00 10.52
CA ARG A 38 -21.87 -3.85 10.79
C ARG A 38 -21.63 -4.73 12.00
N MET A 39 -20.41 -5.27 12.14
CA MET A 39 -20.15 -6.17 13.24
C MET A 39 -20.13 -5.42 14.56
N GLU A 40 -19.59 -4.19 14.56
CA GLU A 40 -19.59 -3.41 15.78
C GLU A 40 -21.00 -3.01 16.18
N LYS A 41 -21.85 -2.71 15.19
CA LYS A 41 -23.23 -2.41 15.52
C LYS A 41 -23.93 -3.61 16.11
N GLY A 42 -23.66 -4.79 15.55
CA GLY A 42 -24.20 -6.01 16.15
C GLY A 42 -23.71 -6.21 17.57
N LEU A 43 -22.45 -5.88 17.83
CA LEU A 43 -21.93 -5.99 19.18
C LEU A 43 -22.62 -5.03 20.14
N SER A 44 -22.87 -3.80 19.68
CA SER A 44 -23.58 -2.85 20.53
C SER A 44 -24.99 -3.33 20.82
N GLN A 45 -25.67 -3.87 19.80
CA GLN A 45 -27.00 -4.41 20.01
C GLN A 45 -26.98 -5.56 21.01
N GLN A 46 -25.98 -6.43 20.90
CA GLN A 46 -25.83 -7.52 21.86
C GLN A 46 -25.60 -6.99 23.26
N SER A 47 -24.75 -5.98 23.39
CA SER A 47 -24.48 -5.41 24.71
C SER A 47 -25.71 -4.78 25.31
N ARG A 48 -26.61 -4.25 24.47
CA ARG A 48 -27.83 -3.67 24.99
C ARG A 48 -28.69 -4.69 25.73
N GLU A 49 -28.47 -5.98 25.49
CA GLU A 49 -29.31 -7.00 26.08
C GLU A 49 -29.02 -7.25 27.55
N PHE A 50 -27.84 -6.88 28.04
CA PHE A 50 -27.52 -7.09 29.45
C PHE A 50 -27.53 -5.80 30.25
N MET A 51 -28.02 -4.70 29.68
CA MET A 51 -28.03 -3.42 30.37
C MET A 51 -29.41 -2.79 30.51
N ALA A 52 -30.41 -3.27 29.79
CA ALA A 52 -31.74 -2.67 29.80
C ALA A 52 -31.69 -1.19 29.47
N GLY A 53 -30.68 -0.77 28.72
CA GLY A 53 -30.51 0.64 28.38
C GLY A 53 -29.25 0.89 27.58
N ASP A 54 -29.36 1.74 26.57
CA ASP A 54 -28.20 2.02 25.72
C ASP A 54 -27.20 2.92 26.41
N ARG A 55 -27.69 3.91 27.15
CA ARG A 55 -26.80 4.84 27.86
C ARG A 55 -27.25 4.98 29.30
N ALA A 56 -26.28 5.23 30.18
CA ALA A 56 -26.53 5.28 31.61
C ALA A 56 -26.12 6.63 32.17
N LEU A 57 -26.95 7.16 33.06
CA LEU A 57 -26.66 8.38 33.79
C LEU A 57 -26.69 8.08 35.28
N ARG A 58 -25.63 8.48 35.98
CA ARG A 58 -25.45 8.14 37.38
C ARG A 58 -25.40 9.41 38.23
N SER A 59 -26.11 9.39 39.35
CA SER A 59 -26.15 10.54 40.24
C SER A 59 -26.48 10.08 41.65
N SER A 60 -26.13 10.93 42.62
CA SER A 60 -26.46 10.70 44.02
C SER A 60 -27.71 11.44 44.47
N ARG A 61 -28.41 12.11 43.55
CA ARG A 61 -29.68 12.75 43.87
C ARG A 61 -30.47 12.92 42.59
N GLU A 62 -31.76 13.20 42.75
CA GLU A 62 -32.67 13.25 41.62
C GLU A 62 -32.30 14.35 40.65
N VAL A 63 -32.32 14.02 39.36
CA VAL A 63 -32.09 15.00 38.31
C VAL A 63 -33.40 15.74 38.07
N PRO A 64 -33.36 16.98 37.59
CA PRO A 64 -34.60 17.68 37.26
C PRO A 64 -35.39 16.94 36.19
N GLN A 65 -36.72 16.94 36.36
CA GLN A 65 -37.59 16.23 35.43
C GLN A 65 -37.51 16.81 34.02
N ALA A 66 -37.04 18.05 33.88
CA ALA A 66 -37.02 18.70 32.57
C ALA A 66 -36.16 17.92 31.58
N TRP A 67 -35.05 17.35 32.05
CA TRP A 67 -34.20 16.58 31.15
C TRP A 67 -34.91 15.34 30.63
N LEU A 68 -35.64 14.64 31.51
CA LEU A 68 -36.36 13.45 31.07
C LEU A 68 -37.52 13.82 30.16
N GLU A 69 -38.17 14.96 30.42
CA GLU A 69 -39.22 15.44 29.52
C GLU A 69 -38.64 15.76 28.15
N GLU A 70 -37.46 16.37 28.11
CA GLU A 70 -36.80 16.61 26.84
C GLU A 70 -36.48 15.31 26.13
N ALA A 71 -35.99 14.31 26.87
CA ALA A 71 -35.68 13.02 26.27
C ALA A 71 -36.92 12.37 25.68
N GLN A 72 -38.04 12.42 26.41
CA GLN A 72 -39.29 11.88 25.87
C GLN A 72 -39.73 12.66 24.64
N LYS A 73 -39.61 13.98 24.68
CA LYS A 73 -39.83 14.78 23.48
C LYS A 73 -38.84 14.40 22.39
N ARG A 74 -37.61 14.09 22.78
CA ARG A 74 -36.60 13.62 21.83
C ARG A 74 -36.85 12.22 21.36
N GLY A 75 -38.00 11.62 21.69
CA GLY A 75 -38.32 10.28 21.24
C GLY A 75 -37.38 9.22 21.76
N LEU A 76 -37.10 9.25 23.07
CA LEU A 76 -36.18 8.32 23.69
C LEU A 76 -36.90 7.59 24.82
N LYS A 77 -36.55 6.32 25.01
CA LYS A 77 -37.12 5.52 26.09
C LYS A 77 -36.25 5.64 27.33
N VAL A 78 -36.87 5.90 28.47
CA VAL A 78 -36.16 6.19 29.71
C VAL A 78 -36.64 5.24 30.80
N GLY A 79 -35.68 4.63 31.50
CA GLY A 79 -35.95 3.85 32.69
C GLY A 79 -35.21 4.40 33.89
N LYS A 80 -35.70 4.14 35.09
CA LYS A 80 -35.18 4.75 36.30
C LYS A 80 -34.93 3.67 37.35
N GLN A 81 -33.79 3.77 38.04
CA GLN A 81 -33.44 2.86 39.13
C GLN A 81 -32.86 3.69 40.27
N LEU A 82 -33.63 3.82 41.36
CA LEU A 82 -33.30 4.75 42.44
C LEU A 82 -33.46 4.01 43.76
N THR A 83 -32.41 3.31 44.21
CA THR A 83 -32.59 2.52 45.42
C THR A 83 -31.24 2.26 46.08
N PHE A 84 -31.32 1.78 47.32
CA PHE A 84 -30.16 1.48 48.16
C PHE A 84 -30.52 0.28 49.02
N ALA A 85 -29.77 0.08 50.11
CA ALA A 85 -30.02 -1.01 51.04
C ALA A 85 -30.51 -0.48 52.37
N THR A 86 -31.42 -1.21 53.01
CA THR A 86 -31.99 -0.77 54.28
C THR A 86 -32.47 -1.99 55.06
N MET A 87 -33.05 -1.72 56.23
CA MET A 87 -33.50 -2.77 57.13
C MET A 87 -34.88 -3.27 56.74
N THR A 88 -35.14 -4.54 57.04
CA THR A 88 -36.44 -5.16 56.81
C THR A 88 -36.75 -6.05 58.01
N PHE A 89 -38.03 -6.35 58.19
CA PHE A 89 -38.49 -7.15 59.32
C PHE A 89 -39.42 -8.24 58.83
N ALA A 90 -38.99 -9.49 58.97
CA ALA A 90 -39.85 -10.64 58.70
C ALA A 90 -40.61 -11.01 59.98
N GLY A 91 -41.51 -10.11 60.36
CA GLY A 91 -42.16 -10.22 61.65
C GLY A 91 -41.36 -9.50 62.72
N ASP A 92 -40.54 -10.25 63.45
CA ASP A 92 -39.66 -9.69 64.47
C ASP A 92 -38.21 -10.11 64.23
N THR A 93 -37.84 -10.34 62.98
CA THR A 93 -36.49 -10.74 62.62
C THR A 93 -35.86 -9.66 61.77
N PRO A 94 -35.11 -8.72 62.35
CA PRO A 94 -34.45 -7.69 61.55
C PRO A 94 -33.44 -8.31 60.59
N GLN A 95 -33.34 -7.71 59.41
CA GLN A 95 -32.42 -8.22 58.39
C GLN A 95 -32.09 -7.10 57.42
N LEU A 96 -30.81 -6.86 57.22
CA LEU A 96 -30.39 -5.93 56.18
C LEU A 96 -30.69 -6.53 54.81
N ALA A 97 -31.18 -5.69 53.90
CA ALA A 97 -31.54 -6.15 52.56
C ALA A 97 -31.33 -5.02 51.58
N ASN A 98 -30.79 -5.36 50.41
CA ASN A 98 -30.60 -4.40 49.33
C ASN A 98 -31.86 -4.39 48.47
N VAL A 99 -32.66 -3.33 48.60
CA VAL A 99 -33.85 -3.18 47.81
C VAL A 99 -33.48 -2.53 46.47
N LYS A 100 -34.39 -2.61 45.52
CA LYS A 100 -34.15 -2.09 44.16
C LYS A 100 -35.51 -1.64 43.62
N ALA A 101 -35.72 -0.34 43.58
CA ALA A 101 -36.96 0.22 43.05
C ALA A 101 -36.79 0.55 41.58
N VAL A 102 -37.64 -0.03 40.75
CA VAL A 102 -37.60 0.18 39.30
C VAL A 102 -39.01 0.45 38.80
N ASP A 103 -39.09 1.13 37.67
CA ASP A 103 -40.37 1.43 37.05
C ASP A 103 -40.86 0.24 36.24
N ASP A 104 -42.04 0.37 35.63
CA ASP A 104 -42.56 -0.70 34.80
C ASP A 104 -41.75 -0.88 33.53
N ILE A 105 -41.00 0.14 33.10
CA ILE A 105 -40.15 -0.01 31.92
C ILE A 105 -39.12 -1.10 32.15
N TYR A 106 -38.47 -1.09 33.30
CA TYR A 106 -37.48 -2.10 33.61
C TYR A 106 -38.16 -3.45 33.77
N PRO A 107 -37.58 -4.53 33.22
CA PRO A 107 -36.37 -4.55 32.40
C PRO A 107 -36.66 -4.10 30.97
N MET A 108 -36.12 -2.96 30.56
CA MET A 108 -36.38 -2.45 29.22
C MET A 108 -35.83 -3.40 28.16
N TYR A 109 -34.63 -3.92 28.38
CA TYR A 109 -34.02 -4.92 27.51
C TYR A 109 -33.71 -6.18 28.31
N GLY A 110 -33.40 -7.24 27.59
CA GLY A 110 -33.05 -8.48 28.25
C GLY A 110 -34.26 -9.13 28.92
N ASP A 111 -33.96 -10.02 29.86
CA ASP A 111 -34.98 -10.75 30.59
C ASP A 111 -34.66 -10.76 32.07
N LEU A 112 -35.71 -10.89 32.88
CA LEU A 112 -35.58 -10.92 34.34
C LEU A 112 -35.87 -12.35 34.80
N GLN A 113 -34.82 -13.09 35.10
CA GLN A 113 -34.95 -14.48 35.54
C GLN A 113 -35.61 -14.51 36.91
N THR A 114 -36.80 -15.09 36.98
CA THR A 114 -37.58 -15.15 38.21
C THR A 114 -38.12 -16.56 38.40
N ASN A 115 -38.33 -16.92 39.65
CA ASN A 115 -38.98 -18.18 40.01
C ASN A 115 -40.21 -17.91 40.85
N PRO A 116 -41.42 -18.06 40.30
CA PRO A 116 -41.75 -18.47 38.93
C PRO A 116 -41.46 -17.37 37.90
N PRO A 117 -41.26 -17.74 36.64
CA PRO A 117 -40.95 -16.73 35.63
C PRO A 117 -42.17 -15.88 35.29
N GLY A 118 -41.90 -14.72 34.70
CA GLY A 118 -42.96 -13.83 34.26
C GLY A 118 -43.52 -12.92 35.33
N LEU A 119 -42.69 -12.50 36.29
CA LEU A 119 -43.13 -11.65 37.38
C LEU A 119 -42.42 -10.30 37.28
N LYS A 120 -43.16 -9.22 37.50
CA LYS A 120 -42.61 -7.88 37.46
C LYS A 120 -43.03 -7.11 38.71
N PRO A 121 -42.22 -6.13 39.12
CA PRO A 121 -42.57 -5.36 40.33
C PRO A 121 -43.83 -4.55 40.14
N GLN A 122 -44.87 -4.90 40.88
CA GLN A 122 -46.14 -4.18 40.87
C GLN A 122 -46.41 -3.60 42.25
N ALA A 123 -47.35 -2.66 42.30
CA ALA A 123 -47.66 -2.00 43.57
C ALA A 123 -48.17 -3.02 44.58
N GLY A 124 -47.58 -2.99 45.78
CA GLY A 124 -47.92 -3.94 46.82
C GLY A 124 -47.24 -5.29 46.69
N SER A 125 -46.35 -5.46 45.71
CA SER A 125 -45.67 -6.73 45.49
C SER A 125 -44.17 -6.52 45.48
N VAL A 126 -43.44 -7.49 46.01
CA VAL A 126 -41.99 -7.45 46.07
C VAL A 126 -41.44 -8.81 45.68
N LEU A 127 -40.27 -8.79 45.04
CA LEU A 127 -39.57 -9.98 44.59
C LEU A 127 -38.23 -10.05 45.31
N LEU A 128 -37.91 -11.22 45.87
CA LEU A 128 -36.79 -11.33 46.79
C LEU A 128 -35.85 -12.45 46.35
N ALA A 129 -34.57 -12.27 46.63
CA ALA A 129 -33.57 -13.28 46.30
C ALA A 129 -33.76 -14.50 47.19
N PRO A 130 -33.51 -15.71 46.65
CA PRO A 130 -33.81 -16.93 47.40
C PRO A 130 -33.15 -16.98 48.77
N ARG A 131 -31.93 -16.47 48.89
CA ARG A 131 -31.29 -16.39 50.19
C ARG A 131 -32.07 -15.49 51.14
N LEU A 132 -32.71 -14.44 50.61
CA LEU A 132 -33.36 -13.46 51.47
C LEU A 132 -34.50 -14.09 52.27
N MET A 133 -35.44 -14.76 51.60
CA MET A 133 -36.50 -15.39 52.37
C MET A 133 -36.11 -16.78 52.86
N ALA A 134 -34.99 -17.33 52.40
CA ALA A 134 -34.44 -18.50 53.07
C ALA A 134 -34.01 -18.15 54.48
N LEU A 135 -33.39 -16.98 54.66
CA LEU A 135 -33.04 -16.50 55.99
C LEU A 135 -34.25 -15.94 56.72
N LEU A 136 -35.17 -15.29 56.00
CA LEU A 136 -36.33 -14.68 56.62
C LEU A 136 -37.44 -15.67 56.91
N ASN A 137 -37.31 -16.92 56.48
CA ASN A 137 -38.27 -17.98 56.77
C ASN A 137 -39.67 -17.64 56.27
N LEU A 138 -39.74 -16.89 55.18
CA LEU A 138 -41.00 -16.57 54.51
C LEU A 138 -41.06 -17.29 53.18
N LYS A 139 -42.27 -17.45 52.67
CA LYS A 139 -42.49 -18.13 51.41
C LYS A 139 -43.22 -17.21 50.43
N THR A 140 -43.28 -17.67 49.18
CA THR A 140 -43.93 -16.88 48.13
C THR A 140 -45.42 -16.73 48.42
N GLY A 141 -45.95 -15.55 48.09
CA GLY A 141 -47.35 -15.26 48.36
C GLY A 141 -47.63 -14.80 49.77
N ASP A 142 -46.63 -14.78 50.64
CA ASP A 142 -46.79 -14.28 51.99
C ASP A 142 -46.60 -12.75 51.99
N THR A 143 -46.51 -12.17 53.19
CA THR A 143 -46.33 -10.74 53.34
C THR A 143 -45.10 -10.45 54.18
N ILE A 144 -44.34 -9.44 53.77
CA ILE A 144 -43.11 -9.04 54.43
C ILE A 144 -43.20 -7.57 54.81
N ASP A 145 -42.76 -7.26 56.02
CA ASP A 145 -42.72 -5.88 56.50
C ASP A 145 -41.39 -5.26 56.07
N VAL A 146 -41.47 -4.26 55.21
CA VAL A 146 -40.32 -3.47 54.80
C VAL A 146 -40.58 -2.03 55.21
N GLY A 147 -39.70 -1.50 56.06
CA GLY A 147 -39.88 -0.15 56.57
C GLY A 147 -41.20 0.01 57.29
N ASP A 148 -42.13 0.73 56.67
CA ASP A 148 -43.47 0.94 57.22
C ASP A 148 -44.54 0.45 56.25
N ALA A 149 -44.24 -0.62 55.51
CA ALA A 149 -45.17 -1.20 54.57
C ALA A 149 -45.16 -2.72 54.72
N THR A 150 -46.26 -3.35 54.34
CA THR A 150 -46.40 -4.81 54.34
C THR A 150 -46.76 -5.24 52.93
N LEU A 151 -45.78 -5.81 52.22
CA LEU A 151 -45.92 -6.09 50.80
C LEU A 151 -45.89 -7.58 50.55
N ARG A 152 -46.67 -8.02 49.56
CA ARG A 152 -46.80 -9.44 49.28
C ARG A 152 -45.60 -9.96 48.49
N ILE A 153 -45.18 -11.18 48.81
CA ILE A 153 -44.05 -11.81 48.16
C ILE A 153 -44.54 -12.38 46.83
N ALA A 154 -44.34 -11.60 45.76
CA ALA A 154 -44.79 -12.06 44.44
C ALA A 154 -43.98 -13.26 43.96
N GLY A 155 -42.67 -13.23 44.18
CA GLY A 155 -41.83 -14.32 43.70
C GLY A 155 -40.37 -14.04 43.98
N GLU A 156 -39.51 -14.78 43.29
CA GLU A 156 -38.07 -14.72 43.51
C GLU A 156 -37.38 -13.95 42.40
N VAL A 157 -36.11 -13.64 42.64
CA VAL A 157 -35.27 -12.94 41.67
C VAL A 157 -34.08 -13.85 41.42
N ILE A 158 -34.16 -14.67 40.37
CA ILE A 158 -33.05 -15.55 40.04
C ILE A 158 -31.86 -14.73 39.54
N GLN A 159 -32.10 -13.79 38.63
CA GLN A 159 -31.04 -12.97 38.08
C GLN A 159 -31.66 -11.81 37.32
N GLU A 160 -30.95 -10.68 37.30
CA GLU A 160 -31.32 -9.53 36.50
C GLU A 160 -30.14 -9.10 35.65
N PRO A 161 -30.38 -8.53 34.48
CA PRO A 161 -29.27 -8.16 33.60
C PRO A 161 -28.31 -7.17 34.22
N ASP A 162 -28.81 -6.20 34.98
CA ASP A 162 -27.95 -5.21 35.61
C ASP A 162 -27.69 -5.61 37.06
N SER A 163 -27.03 -6.75 37.20
CA SER A 163 -26.72 -7.32 38.51
C SER A 163 -25.27 -7.13 38.88
N GLY A 164 -24.35 -7.55 38.03
CA GLY A 164 -22.95 -7.57 38.38
C GLY A 164 -22.63 -8.76 39.27
N PHE A 165 -21.37 -8.80 39.70
CA PHE A 165 -20.90 -9.90 40.53
C PHE A 165 -21.00 -9.58 42.01
N ASN A 166 -20.30 -8.53 42.45
CA ASN A 166 -20.23 -8.10 43.84
C ASN A 166 -19.88 -9.25 44.78
N PRO A 167 -18.64 -9.73 44.74
CA PRO A 167 -18.23 -10.76 45.71
C PRO A 167 -18.33 -10.30 47.16
N PHE A 168 -18.07 -9.02 47.42
CA PHE A 168 -18.16 -8.49 48.78
C PHE A 168 -19.58 -8.06 49.11
N GLN A 169 -20.54 -8.95 48.85
CA GLN A 169 -21.93 -8.64 49.12
C GLN A 169 -22.25 -8.85 50.58
N MET A 170 -23.33 -8.21 51.02
CA MET A 170 -23.75 -8.31 52.42
C MET A 170 -25.20 -8.73 52.55
N ALA A 171 -26.07 -8.23 51.68
CA ALA A 171 -27.50 -8.47 51.82
C ALA A 171 -28.11 -8.76 50.47
N PRO A 172 -29.14 -9.62 50.42
CA PRO A 172 -29.73 -10.02 49.13
C PRO A 172 -30.50 -8.91 48.45
N ARG A 173 -31.10 -9.23 47.31
CA ARG A 173 -31.79 -8.27 46.46
C ARG A 173 -33.30 -8.38 46.66
N LEU A 174 -33.96 -7.23 46.61
CA LEU A 174 -35.40 -7.13 46.78
C LEU A 174 -35.97 -6.22 45.69
N MET A 175 -36.47 -6.80 44.61
CA MET A 175 -37.07 -6.02 43.55
C MET A 175 -38.40 -5.44 44.01
N MET A 176 -38.65 -4.17 43.65
CA MET A 176 -39.80 -3.45 44.13
C MET A 176 -39.99 -2.21 43.26
N ASN A 177 -41.21 -1.68 43.26
CA ASN A 177 -41.63 -0.72 42.24
C ASN A 177 -41.32 0.72 42.64
N LEU A 178 -41.01 1.53 41.62
CA LEU A 178 -40.67 2.94 41.86
C LEU A 178 -41.81 3.69 42.56
N ALA A 179 -43.05 3.41 42.18
CA ALA A 179 -44.18 4.17 42.71
C ALA A 179 -44.39 3.96 44.21
N ASP A 180 -43.78 2.94 44.80
CA ASP A 180 -44.00 2.62 46.21
C ASP A 180 -42.81 2.99 47.09
N VAL A 181 -42.03 3.97 46.66
CA VAL A 181 -40.86 4.38 47.44
C VAL A 181 -41.29 5.04 48.74
N ASP A 182 -42.24 5.97 48.68
CA ASP A 182 -42.66 6.70 49.86
C ASP A 182 -43.35 5.78 50.87
N LYS A 183 -44.10 4.79 50.40
CA LYS A 183 -44.83 3.90 51.28
C LYS A 183 -43.90 3.05 52.14
N THR A 184 -42.62 2.96 51.76
CA THR A 184 -41.66 2.24 52.57
C THR A 184 -41.51 2.88 53.95
N GLY A 185 -41.43 4.20 53.99
CA GLY A 185 -41.24 4.88 55.25
C GLY A 185 -39.88 4.70 55.87
N ALA A 186 -38.95 4.07 55.16
CA ALA A 186 -37.60 3.86 55.64
C ALA A 186 -36.54 4.58 54.82
N VAL A 187 -36.88 5.03 53.61
CA VAL A 187 -35.92 5.74 52.78
C VAL A 187 -35.58 7.08 53.44
N GLN A 188 -34.29 7.38 53.54
CA GLN A 188 -33.83 8.60 54.16
C GLN A 188 -32.93 9.36 53.20
N PRO A 189 -32.98 10.68 53.20
CA PRO A 189 -32.03 11.46 52.39
C PRO A 189 -30.61 11.37 52.93
N GLY A 190 -30.12 10.15 53.14
CA GLY A 190 -28.80 9.92 53.67
C GLY A 190 -27.87 9.30 52.65
N SER A 191 -27.68 7.99 52.73
CA SER A 191 -26.80 7.31 51.78
C SER A 191 -27.36 7.44 50.37
N ARG A 192 -26.46 7.31 49.40
CA ARG A 192 -26.83 7.48 47.99
C ARG A 192 -27.91 6.48 47.60
N VAL A 193 -28.93 6.97 46.90
CA VAL A 193 -30.04 6.14 46.46
C VAL A 193 -29.68 5.51 45.12
N THR A 194 -28.41 5.64 44.74
CA THR A 194 -27.86 5.02 43.53
C THR A 194 -28.70 5.36 42.31
N TRP A 195 -28.80 6.65 42.03
CA TRP A 195 -29.70 7.12 40.98
C TRP A 195 -29.12 6.78 39.63
N ARG A 196 -29.77 5.88 38.91
CA ARG A 196 -29.34 5.46 37.58
C ARG A 196 -30.49 5.65 36.60
N TYR A 197 -30.18 6.16 35.42
CA TYR A 197 -31.16 6.42 34.39
C TYR A 197 -30.70 5.78 33.09
N LYS A 198 -31.57 4.96 32.51
CA LYS A 198 -31.26 4.23 31.30
C LYS A 198 -31.98 4.88 30.12
N PHE A 199 -31.24 5.12 29.04
CA PHE A 199 -31.78 5.74 27.84
C PHE A 199 -31.60 4.80 26.66
N GLY A 200 -32.65 4.66 25.86
CA GLY A 200 -32.61 3.80 24.70
C GLY A 200 -33.27 4.42 23.47
N GLY A 201 -32.67 4.18 22.31
CA GLY A 201 -33.15 4.75 21.07
C GLY A 201 -32.07 4.66 20.02
N ASN A 202 -32.32 5.33 18.90
CA ASN A 202 -31.37 5.31 17.80
C ASN A 202 -30.11 6.08 18.16
N GLU A 203 -29.05 5.83 17.39
CA GLU A 203 -27.77 6.47 17.67
C GLU A 203 -27.86 7.98 17.55
N ASN A 204 -28.54 8.48 16.51
CA ASN A 204 -28.63 9.91 16.31
C ASN A 204 -29.34 10.60 17.46
N GLN A 205 -30.46 10.02 17.90
CA GLN A 205 -31.20 10.63 19.01
C GLN A 205 -30.35 10.64 20.27
N LEU A 206 -29.65 9.54 20.56
CA LEU A 206 -28.80 9.50 21.74
C LEU A 206 -27.68 10.53 21.65
N ASP A 207 -27.05 10.66 20.49
CA ASP A 207 -25.95 11.61 20.35
C ASP A 207 -26.46 13.04 20.52
N GLY A 208 -27.57 13.39 19.89
CA GLY A 208 -28.12 14.72 20.03
C GLY A 208 -28.51 15.02 21.47
N TYR A 209 -29.15 14.06 22.14
CA TYR A 209 -29.56 14.27 23.52
C TYR A 209 -28.34 14.40 24.43
N GLU A 210 -27.30 13.62 24.17
CA GLU A 210 -26.09 13.73 24.97
C GLU A 210 -25.44 15.09 24.79
N LYS A 211 -25.37 15.58 23.55
CA LYS A 211 -24.81 16.90 23.32
C LYS A 211 -25.66 17.98 23.98
N TRP A 212 -26.97 17.78 23.98
CA TRP A 212 -27.88 18.72 24.64
C TRP A 212 -27.66 18.74 26.15
N LEU A 213 -27.44 17.57 26.74
CA LEU A 213 -27.36 17.44 28.20
C LEU A 213 -25.96 17.63 28.76
N LEU A 214 -24.94 17.63 27.90
CA LEU A 214 -23.56 17.73 28.40
C LEU A 214 -23.31 18.98 29.25
N PRO A 215 -23.71 20.19 28.85
CA PRO A 215 -23.47 21.35 29.70
C PRO A 215 -24.36 21.41 30.93
N GLN A 216 -25.41 20.59 31.00
CA GLN A 216 -26.38 20.64 32.09
C GLN A 216 -26.07 19.59 33.16
N LEU A 217 -24.78 19.36 33.43
CA LEU A 217 -24.37 18.35 34.39
C LEU A 217 -23.54 18.97 35.50
N LYS A 218 -23.39 18.23 36.58
CA LYS A 218 -22.61 18.61 37.75
C LYS A 218 -21.64 17.49 38.06
N PRO A 219 -20.55 17.79 38.80
CA PRO A 219 -19.53 16.76 39.05
C PRO A 219 -19.95 15.73 40.09
N GLU A 220 -21.19 15.25 39.98
CA GLU A 220 -21.62 14.07 40.70
C GLU A 220 -22.42 13.12 39.81
N GLN A 221 -22.78 13.54 38.61
CA GLN A 221 -23.53 12.73 37.67
C GLN A 221 -22.63 12.38 36.48
N ARG A 222 -22.50 11.09 36.20
CA ARG A 222 -21.65 10.60 35.12
C ARG A 222 -22.52 10.01 34.02
N TRP A 223 -22.24 10.41 32.79
CA TRP A 223 -22.89 9.86 31.61
C TRP A 223 -21.93 8.86 30.98
N TYR A 224 -22.39 7.64 30.76
CA TYR A 224 -21.50 6.60 30.29
C TYR A 224 -22.30 5.50 29.61
N GLY A 225 -21.59 4.43 29.28
CA GLY A 225 -22.19 3.25 28.70
C GLY A 225 -21.17 2.14 28.69
N LEU A 226 -21.67 0.92 28.50
CA LEU A 226 -20.82 -0.27 28.50
C LEU A 226 -20.04 -0.41 29.80
N GLU A 227 -20.61 0.08 30.90
CA GLU A 227 -20.05 -0.05 32.23
C GLU A 227 -21.17 -0.58 33.13
N GLN A 228 -21.26 -1.90 33.25
CA GLN A 228 -22.31 -2.51 34.04
C GLN A 228 -22.10 -2.18 35.52
N ASP A 229 -23.15 -2.44 36.31
CA ASP A 229 -23.04 -2.27 37.75
C ASP A 229 -22.13 -3.36 38.32
N GLU A 230 -21.37 -2.98 39.35
CA GLU A 230 -20.38 -3.87 39.98
C GLU A 230 -19.37 -4.25 38.90
N GLY A 231 -19.26 -5.53 38.53
CA GLY A 231 -18.29 -6.01 37.55
C GLY A 231 -18.19 -5.17 36.30
N ALA A 232 -16.97 -4.97 35.82
CA ALA A 232 -16.69 -4.09 34.69
C ALA A 232 -16.61 -4.86 33.37
N LEU A 233 -17.42 -5.89 33.22
CA LEU A 233 -17.41 -6.75 32.04
C LEU A 233 -17.43 -5.94 30.75
N GLY A 234 -18.26 -4.90 30.72
CA GLY A 234 -18.36 -4.07 29.53
C GLY A 234 -17.05 -3.48 29.08
N ARG A 235 -16.09 -3.31 29.99
CA ARG A 235 -14.76 -2.85 29.59
C ARG A 235 -14.23 -3.70 28.44
N SER A 236 -14.35 -5.02 28.54
CA SER A 236 -13.92 -5.88 27.46
C SER A 236 -14.56 -5.47 26.14
N MET A 237 -15.89 -5.29 26.15
CA MET A 237 -16.56 -4.80 24.96
C MET A 237 -15.88 -3.55 24.44
N GLU A 238 -15.67 -2.57 25.31
CA GLU A 238 -15.01 -1.34 24.89
C GLU A 238 -13.69 -1.65 24.21
N ARG A 239 -12.86 -2.48 24.83
CA ARG A 239 -11.60 -2.85 24.20
C ARG A 239 -11.85 -3.40 22.80
N SER A 240 -12.76 -4.36 22.69
CA SER A 240 -13.07 -4.92 21.38
C SER A 240 -13.40 -3.82 20.40
N GLN A 241 -14.27 -2.89 20.80
CA GLN A 241 -14.66 -1.82 19.89
C GLN A 241 -13.44 -1.08 19.38
N GLN A 242 -12.55 -0.66 20.29
CA GLN A 242 -11.34 0.03 19.87
C GLN A 242 -10.60 -0.80 18.83
N PHE A 243 -10.43 -2.09 19.12
CA PHE A 243 -9.73 -2.96 18.17
C PHE A 243 -10.35 -2.86 16.80
N LEU A 244 -11.68 -2.97 16.72
CA LEU A 244 -12.32 -2.89 15.41
C LEU A 244 -11.92 -1.62 14.69
N LEU A 245 -12.04 -0.47 15.36
CA LEU A 245 -11.61 0.77 14.74
C LEU A 245 -10.19 0.66 14.24
N LEU A 246 -9.28 0.19 15.10
CA LEU A 246 -7.90 0.04 14.70
C LEU A 246 -7.79 -0.75 13.42
N SER A 247 -8.49 -1.89 13.35
CA SER A 247 -8.41 -2.71 12.15
C SER A 247 -8.75 -1.88 10.93
N ALA A 248 -9.89 -1.19 10.96
CA ALA A 248 -10.26 -0.35 9.83
C ALA A 248 -9.13 0.59 9.46
N LEU A 249 -8.61 1.32 10.46
CA LEU A 249 -7.53 2.25 10.19
C LEU A 249 -6.38 1.55 9.50
N LEU A 250 -5.99 0.38 10.02
CA LEU A 250 -4.89 -0.34 9.40
C LEU A 250 -5.14 -0.56 7.93
N THR A 251 -6.32 -1.11 7.59
CA THR A 251 -6.61 -1.33 6.18
C THR A 251 -6.45 -0.05 5.40
N LEU A 252 -7.02 1.04 5.90
CA LEU A 252 -6.90 2.32 5.21
C LEU A 252 -5.45 2.63 4.94
N LEU A 253 -4.61 2.57 5.98
CA LEU A 253 -3.20 2.89 5.80
C LEU A 253 -2.61 2.00 4.71
N LEU A 254 -2.87 0.70 4.79
CA LEU A 254 -2.34 -0.20 3.77
C LEU A 254 -2.74 0.29 2.39
N ALA A 255 -4.03 0.53 2.19
CA ALA A 255 -4.49 0.97 0.88
C ALA A 255 -3.68 2.16 0.42
N VAL A 256 -3.52 3.16 1.29
CA VAL A 256 -2.83 4.38 0.89
C VAL A 256 -1.48 4.04 0.30
N ALA A 257 -0.71 3.23 1.02
CA ALA A 257 0.63 2.91 0.55
C ALA A 257 0.57 2.36 -0.87
N ALA A 258 -0.26 1.34 -1.08
CA ALA A 258 -0.35 0.75 -2.41
C ALA A 258 -0.67 1.82 -3.42
N VAL A 259 -1.74 2.59 -3.17
CA VAL A 259 -2.15 3.58 -4.16
C VAL A 259 -0.98 4.47 -4.49
N ALA A 260 -0.30 4.98 -3.46
CA ALA A 260 0.82 5.87 -3.69
C ALA A 260 1.77 5.26 -4.69
N VAL A 261 2.33 4.10 -4.36
CA VAL A 261 3.36 3.56 -5.23
C VAL A 261 2.79 3.33 -6.62
N ALA A 262 1.59 2.75 -6.69
CA ALA A 262 1.00 2.49 -7.98
C ALA A 262 0.91 3.77 -8.77
N MET A 263 0.31 4.80 -8.18
CA MET A 263 0.12 6.02 -8.95
C MET A 263 1.44 6.64 -9.32
N ASN A 264 2.43 6.56 -8.43
CA ASN A 264 3.74 7.09 -8.80
C ASN A 264 4.20 6.46 -10.10
N HIS A 265 4.18 5.12 -10.17
CA HIS A 265 4.60 4.46 -11.38
C HIS A 265 3.79 4.95 -12.57
N TYR A 266 2.48 5.06 -12.40
CA TYR A 266 1.65 5.51 -13.51
C TYR A 266 2.15 6.85 -14.03
N CYS A 267 2.42 7.78 -13.12
CA CYS A 267 2.86 9.10 -13.55
C CYS A 267 4.11 9.00 -14.40
N ARG A 268 5.07 8.18 -13.95
CA ARG A 268 6.30 8.04 -14.72
C ARG A 268 6.01 7.55 -16.12
N SER A 269 5.07 6.62 -16.25
CA SER A 269 4.78 6.04 -17.56
C SER A 269 4.34 7.12 -18.53
N ARG A 270 3.76 8.20 -18.03
CA ARG A 270 3.24 9.21 -18.95
C ARG A 270 4.31 10.15 -19.46
N TYR A 271 5.48 10.17 -18.83
CA TYR A 271 6.45 11.24 -19.07
C TYR A 271 6.62 11.51 -20.55
N ASP A 272 7.18 10.55 -21.27
CA ASP A 272 7.51 10.77 -22.67
C ASP A 272 6.29 11.21 -23.47
N LEU A 273 5.13 10.61 -23.22
CA LEU A 273 3.95 10.98 -23.99
C LEU A 273 3.70 12.47 -23.88
N VAL A 274 3.72 13.01 -22.66
CA VAL A 274 3.51 14.43 -22.49
C VAL A 274 4.49 15.21 -23.34
N ALA A 275 5.77 14.81 -23.30
CA ALA A 275 6.77 15.49 -24.12
C ALA A 275 6.34 15.52 -25.57
N ILE A 276 5.94 14.37 -26.10
CA ILE A 276 5.54 14.32 -27.51
C ILE A 276 4.40 15.28 -27.75
N LEU A 277 3.41 15.30 -26.85
CA LEU A 277 2.29 16.21 -27.02
C LEU A 277 2.76 17.65 -26.99
N LYS A 278 3.68 17.97 -26.09
CA LYS A 278 4.21 19.32 -26.06
C LYS A 278 4.96 19.63 -27.33
N THR A 279 5.54 18.61 -27.97
CA THR A 279 6.26 18.84 -29.22
C THR A 279 5.31 19.22 -30.34
N LEU A 280 4.14 18.58 -30.38
CA LEU A 280 3.16 18.83 -31.43
C LEU A 280 2.33 20.07 -31.18
N GLY A 281 2.80 20.96 -30.32
CA GLY A 281 2.11 22.21 -30.09
C GLY A 281 0.86 22.09 -29.27
N ALA A 282 0.71 21.02 -28.50
CA ALA A 282 -0.46 20.90 -27.64
C ALA A 282 -0.44 22.01 -26.60
N GLY A 283 -1.44 22.88 -26.65
CA GLY A 283 -1.51 23.97 -25.72
C GLY A 283 -1.85 23.49 -24.33
N ARG A 284 -1.80 24.42 -23.38
CA ARG A 284 -2.09 24.08 -21.99
C ARG A 284 -3.50 23.53 -21.86
N ALA A 285 -4.46 24.13 -22.55
CA ALA A 285 -5.85 23.68 -22.43
C ALA A 285 -6.00 22.25 -22.94
N GLN A 286 -5.54 21.97 -24.16
CA GLN A 286 -5.71 20.64 -24.72
C GLN A 286 -4.92 19.61 -23.94
N LEU A 287 -3.70 19.97 -23.54
CA LEU A 287 -2.87 19.04 -22.78
C LEU A 287 -3.52 18.69 -21.46
N ARG A 288 -4.04 19.69 -20.75
CA ARG A 288 -4.76 19.43 -19.52
C ARG A 288 -5.96 18.54 -19.78
N LYS A 289 -6.73 18.86 -20.82
CA LYS A 289 -7.91 18.07 -21.12
C LYS A 289 -7.53 16.60 -21.29
N LEU A 290 -6.55 16.32 -22.14
CA LEU A 290 -6.19 14.94 -22.42
C LEU A 290 -5.66 14.24 -21.17
N ILE A 291 -4.67 14.83 -20.51
CA ILE A 291 -3.99 14.13 -19.43
C ILE A 291 -4.92 13.93 -18.23
N VAL A 292 -5.57 15.01 -17.78
CA VAL A 292 -6.46 14.82 -16.65
C VAL A 292 -7.67 14.00 -17.04
N GLY A 293 -8.06 13.97 -18.31
CA GLY A 293 -9.13 13.07 -18.71
C GLY A 293 -8.74 11.63 -18.56
N GLN A 294 -7.53 11.28 -19.00
CA GLN A 294 -7.06 9.91 -18.79
C GLN A 294 -6.99 9.58 -17.31
N TRP A 295 -6.45 10.50 -16.52
CA TRP A 295 -6.32 10.25 -15.09
C TRP A 295 -7.68 10.06 -14.44
N LEU A 296 -8.64 10.93 -14.76
CA LEU A 296 -9.95 10.85 -14.15
C LEU A 296 -10.71 9.62 -14.60
N MET A 297 -10.56 9.23 -15.87
CA MET A 297 -11.22 8.03 -16.33
C MET A 297 -10.68 6.81 -15.60
N VAL A 298 -9.36 6.76 -15.40
CA VAL A 298 -8.78 5.66 -14.64
C VAL A 298 -9.32 5.65 -13.22
N LEU A 299 -9.38 6.83 -12.60
CA LEU A 299 -9.87 6.90 -11.23
C LEU A 299 -11.32 6.42 -11.16
N THR A 300 -12.15 6.85 -12.09
CA THR A 300 -13.56 6.49 -12.05
C THR A 300 -13.77 5.01 -12.30
N LEU A 301 -13.08 4.44 -13.30
CA LEU A 301 -13.21 3.01 -13.54
C LEU A 301 -12.74 2.22 -12.34
N SER A 302 -11.60 2.60 -11.76
CA SER A 302 -11.09 1.90 -10.59
C SER A 302 -12.10 1.97 -9.45
N ALA A 303 -12.66 3.14 -9.21
CA ALA A 303 -13.63 3.28 -8.13
C ALA A 303 -14.86 2.42 -8.38
N VAL A 304 -15.35 2.40 -9.62
CA VAL A 304 -16.57 1.66 -9.91
C VAL A 304 -16.35 0.16 -9.70
N THR A 305 -15.29 -0.38 -10.29
CA THR A 305 -15.05 -1.81 -10.12
C THR A 305 -14.73 -2.15 -8.68
N GLY A 306 -14.01 -1.26 -7.99
CA GLY A 306 -13.73 -1.50 -6.59
C GLY A 306 -15.00 -1.55 -5.75
N GLY A 307 -15.92 -0.63 -6.01
CA GLY A 307 -17.18 -0.65 -5.28
C GLY A 307 -17.98 -1.90 -5.56
N ALA A 308 -18.05 -2.30 -6.83
CA ALA A 308 -18.79 -3.51 -7.16
C ALA A 308 -18.19 -4.73 -6.48
N ILE A 309 -16.86 -4.84 -6.53
CA ILE A 309 -16.20 -5.99 -5.92
C ILE A 309 -16.37 -5.97 -4.40
N GLY A 310 -16.26 -4.80 -3.79
CA GLY A 310 -16.43 -4.72 -2.35
C GLY A 310 -17.84 -5.10 -1.91
N LEU A 311 -18.84 -4.63 -2.64
CA LEU A 311 -20.21 -5.00 -2.32
C LEU A 311 -20.43 -6.50 -2.49
N LEU A 312 -19.90 -7.07 -3.57
CA LEU A 312 -20.03 -8.51 -3.76
C LEU A 312 -19.36 -9.27 -2.64
N PHE A 313 -18.17 -8.83 -2.25
CA PHE A 313 -17.45 -9.49 -1.16
C PHE A 313 -18.25 -9.42 0.14
N GLU A 314 -18.79 -8.25 0.45
CA GLU A 314 -19.56 -8.10 1.68
C GLU A 314 -20.77 -9.01 1.68
N ASN A 315 -21.53 -9.02 0.58
CA ASN A 315 -22.73 -9.84 0.53
C ASN A 315 -22.39 -11.32 0.67
N VAL A 316 -21.40 -11.78 -0.10
CA VAL A 316 -21.08 -13.20 -0.08
C VAL A 316 -20.51 -13.61 1.27
N LEU A 317 -19.74 -12.72 1.91
CA LEU A 317 -19.17 -13.06 3.20
C LEU A 317 -20.24 -13.13 4.27
N MET A 318 -21.17 -12.16 4.28
CA MET A 318 -22.24 -12.24 5.28
C MET A 318 -23.14 -13.43 5.06
N VAL A 319 -23.36 -13.82 3.80
CA VAL A 319 -24.10 -15.05 3.56
C VAL A 319 -23.33 -16.24 4.11
N LEU A 320 -22.02 -16.28 3.88
CA LEU A 320 -21.22 -17.40 4.36
C LEU A 320 -21.00 -17.38 5.87
N LEU A 321 -21.35 -16.29 6.54
CA LEU A 321 -21.12 -16.15 7.96
C LEU A 321 -22.37 -16.42 8.79
N LYS A 322 -23.41 -16.99 8.20
CA LYS A 322 -24.67 -17.17 8.92
C LYS A 322 -24.50 -17.97 10.20
N PRO A 323 -23.81 -19.11 10.25
CA PRO A 323 -23.70 -19.84 11.52
C PRO A 323 -23.06 -19.04 12.63
N VAL A 324 -22.04 -18.23 12.32
CA VAL A 324 -21.30 -17.54 13.36
C VAL A 324 -22.15 -16.46 14.01
N LEU A 325 -22.83 -15.66 13.21
CA LEU A 325 -23.61 -14.55 13.76
C LEU A 325 -24.81 -15.07 14.53
N PRO A 326 -25.20 -14.40 15.61
CA PRO A 326 -26.40 -14.83 16.34
C PRO A 326 -27.67 -14.31 15.67
N ALA A 327 -27.56 -13.17 15.01
CA ALA A 327 -28.70 -12.56 14.34
C ALA A 327 -28.17 -11.70 13.20
N ALA A 328 -29.06 -11.36 12.27
CA ALA A 328 -28.68 -10.51 11.15
C ALA A 328 -28.22 -9.15 11.66
N LEU A 329 -27.10 -8.70 11.15
CA LEU A 329 -26.56 -7.42 11.57
C LEU A 329 -27.28 -6.27 10.86
N PRO A 330 -27.40 -5.13 11.52
CA PRO A 330 -28.06 -3.98 10.90
C PRO A 330 -27.22 -3.43 9.76
N PRO A 331 -27.84 -2.69 8.84
CA PRO A 331 -27.08 -2.15 7.70
C PRO A 331 -26.02 -1.16 8.16
N ALA A 332 -24.93 -1.11 7.39
CA ALA A 332 -23.81 -0.24 7.72
C ALA A 332 -24.15 1.22 7.47
N SER A 333 -23.36 2.10 8.09
CA SER A 333 -23.43 3.51 7.78
C SER A 333 -22.65 3.81 6.50
N LEU A 334 -22.72 5.06 6.06
CA LEU A 334 -22.14 5.44 4.79
C LEU A 334 -20.68 5.85 4.87
N TRP A 335 -20.13 6.01 6.06
CA TRP A 335 -18.79 6.57 6.16
C TRP A 335 -17.71 5.70 5.52
N PRO A 336 -17.86 4.38 5.40
CA PRO A 336 -16.84 3.62 4.64
C PRO A 336 -16.71 4.09 3.20
N TRP A 337 -17.80 4.49 2.56
CA TRP A 337 -17.70 4.97 1.19
C TRP A 337 -16.80 6.19 1.10
N LEU A 338 -16.98 7.13 2.02
CA LEU A 338 -16.05 8.26 2.09
C LEU A 338 -14.64 7.75 2.35
N TRP A 339 -14.50 6.86 3.34
CA TRP A 339 -13.18 6.40 3.73
C TRP A 339 -12.43 5.75 2.59
N ALA A 340 -13.14 5.28 1.57
CA ALA A 340 -12.50 4.68 0.40
C ALA A 340 -12.29 5.70 -0.72
N LEU A 341 -13.38 6.30 -1.21
CA LEU A 341 -13.27 7.16 -2.37
C LEU A 341 -12.42 8.38 -2.06
N GLY A 342 -12.64 9.00 -0.90
CA GLY A 342 -11.87 10.18 -0.56
C GLY A 342 -10.40 9.90 -0.43
N THR A 343 -10.04 8.79 0.22
CA THR A 343 -8.61 8.51 0.38
C THR A 343 -7.96 8.21 -0.95
N MET A 344 -8.64 7.44 -1.82
CA MET A 344 -8.03 7.15 -3.11
C MET A 344 -7.86 8.42 -3.92
N THR A 345 -8.87 9.30 -3.90
CA THR A 345 -8.77 10.55 -4.63
C THR A 345 -7.65 11.43 -4.09
N VAL A 346 -7.60 11.59 -2.77
CA VAL A 346 -6.64 12.54 -2.21
C VAL A 346 -5.22 12.02 -2.37
N ILE A 347 -4.99 10.73 -2.20
CA ILE A 347 -3.65 10.20 -2.39
C ILE A 347 -3.26 10.29 -3.85
N SER A 348 -4.19 9.98 -4.76
CA SER A 348 -3.90 10.12 -6.18
C SER A 348 -3.50 11.55 -6.51
N LEU A 349 -4.28 12.53 -6.04
CA LEU A 349 -3.96 13.91 -6.35
C LEU A 349 -2.63 14.32 -5.74
N LEU A 350 -2.38 13.92 -4.49
CA LEU A 350 -1.14 14.31 -3.84
C LEU A 350 0.07 13.75 -4.58
N VAL A 351 0.00 12.49 -5.00
CA VAL A 351 1.14 11.91 -5.70
C VAL A 351 1.30 12.52 -7.08
N GLY A 352 0.19 12.75 -7.79
CA GLY A 352 0.28 13.19 -9.16
C GLY A 352 0.38 14.68 -9.40
N LEU A 353 0.18 15.50 -8.37
CA LEU A 353 0.18 16.94 -8.59
C LEU A 353 1.56 17.44 -8.99
N ARG A 354 2.59 17.04 -8.25
CA ARG A 354 3.93 17.53 -8.55
C ARG A 354 4.41 17.16 -9.94
N PRO A 355 4.32 15.91 -10.39
CA PRO A 355 4.80 15.60 -11.75
C PRO A 355 4.06 16.37 -12.82
N TYR A 356 2.78 16.63 -12.63
CA TYR A 356 2.04 17.37 -13.64
C TYR A 356 2.59 18.77 -13.83
N ARG A 357 2.71 19.52 -12.72
CA ARG A 357 3.26 20.85 -12.83
C ARG A 357 4.70 20.83 -13.32
N LEU A 358 5.48 19.84 -12.88
CA LEU A 358 6.86 19.75 -13.32
C LEU A 358 6.94 19.56 -14.83
N LEU A 359 6.11 18.69 -15.39
CA LEU A 359 6.12 18.50 -16.83
C LEU A 359 5.63 19.75 -17.55
N LEU A 360 4.63 20.43 -17.00
CA LEU A 360 4.06 21.57 -17.69
C LEU A 360 5.04 22.72 -17.81
N ALA A 361 6.14 22.72 -17.06
CA ALA A 361 7.07 23.84 -17.03
C ALA A 361 8.49 23.43 -17.43
N THR A 362 8.62 22.39 -18.25
CA THR A 362 9.93 21.92 -18.66
C THR A 362 9.93 21.69 -20.16
N GLN A 363 11.02 22.11 -20.81
CA GLN A 363 11.11 21.94 -22.25
C GLN A 363 11.08 20.46 -22.60
N PRO A 364 10.40 20.08 -23.68
CA PRO A 364 10.23 18.65 -23.96
C PRO A 364 11.53 17.89 -24.16
N LEU A 365 12.52 18.53 -24.77
CA LEU A 365 13.76 17.81 -25.06
C LEU A 365 14.47 17.41 -23.78
N ARG A 366 14.37 18.24 -22.74
CA ARG A 366 14.98 17.86 -21.47
C ARG A 366 14.30 16.62 -20.90
N VAL A 367 12.98 16.53 -21.03
CA VAL A 367 12.26 15.34 -20.56
C VAL A 367 12.71 14.11 -21.34
N LEU A 368 12.78 14.25 -22.67
CA LEU A 368 13.10 13.09 -23.50
C LEU A 368 14.52 12.60 -23.25
N ARG A 369 15.47 13.52 -23.16
CA ARG A 369 16.87 13.16 -23.00
C ARG A 369 17.25 12.92 -21.54
N ASN A 370 16.26 12.82 -20.65
CA ASN A 370 16.51 12.57 -19.23
C ASN A 370 17.49 13.58 -18.65
N ASP A 371 17.36 14.83 -19.07
CA ASP A 371 18.27 15.87 -18.63
C ASP A 371 17.70 16.55 -17.37
N VAL A 372 18.28 17.68 -16.99
CA VAL A 372 17.89 18.35 -15.76
C VAL A 372 16.53 18.99 -15.96
N VAL A 373 15.52 18.48 -15.26
CA VAL A 373 14.17 19.02 -15.31
C VAL A 373 14.12 20.29 -14.47
N ALA A 374 13.05 21.06 -14.61
CA ALA A 374 12.95 22.33 -13.91
C ALA A 374 12.95 22.14 -12.40
N ASN A 375 13.74 22.96 -11.71
CA ASN A 375 13.86 22.89 -10.26
C ASN A 375 12.71 23.69 -9.64
N VAL A 376 11.56 23.06 -9.55
CA VAL A 376 10.38 23.65 -8.95
C VAL A 376 9.78 22.65 -7.97
N TRP A 377 9.37 23.15 -6.80
CA TRP A 377 8.82 22.32 -5.74
C TRP A 377 9.79 21.19 -5.43
N PRO A 378 10.93 21.49 -4.82
CA PRO A 378 11.89 20.43 -4.51
C PRO A 378 11.30 19.42 -3.55
N LEU A 379 11.78 18.18 -3.64
CA LEU A 379 11.24 17.13 -2.79
C LEU A 379 11.42 17.46 -1.32
N LYS A 380 12.52 18.12 -0.96
CA LYS A 380 12.79 18.41 0.44
C LYS A 380 11.73 19.32 1.04
N PHE A 381 11.01 20.09 0.24
CA PHE A 381 9.90 20.89 0.74
C PHE A 381 8.55 20.28 0.41
N TYR A 382 8.47 19.49 -0.66
CA TYR A 382 7.19 18.89 -1.04
C TYR A 382 6.80 17.78 -0.09
N LEU A 383 7.75 16.91 0.26
CA LEU A 383 7.42 15.76 1.10
C LEU A 383 6.88 16.16 2.46
N PRO A 384 7.51 17.06 3.23
CA PRO A 384 6.91 17.43 4.53
C PRO A 384 5.52 18.00 4.40
N ILE A 385 5.27 18.81 3.36
CA ILE A 385 3.95 19.38 3.19
C ILE A 385 2.93 18.29 2.93
N VAL A 386 3.28 17.33 2.08
CA VAL A 386 2.36 16.23 1.79
C VAL A 386 2.08 15.43 3.05
N SER A 387 3.12 15.15 3.83
CA SER A 387 2.92 14.38 5.05
C SER A 387 2.02 15.13 6.02
N VAL A 388 2.21 16.44 6.14
CA VAL A 388 1.38 17.24 7.04
C VAL A 388 -0.07 17.20 6.59
N VAL A 389 -0.31 17.37 5.29
CA VAL A 389 -1.69 17.34 4.79
C VAL A 389 -2.32 15.98 5.05
N VAL A 390 -1.56 14.91 4.80
CA VAL A 390 -2.10 13.57 4.99
C VAL A 390 -2.45 13.34 6.44
N VAL A 391 -1.56 13.73 7.36
CA VAL A 391 -1.82 13.46 8.77
C VAL A 391 -2.95 14.33 9.29
N LEU A 392 -3.07 15.57 8.79
CA LEU A 392 -4.19 16.41 9.18
C LEU A 392 -5.50 15.79 8.72
N LEU A 393 -5.53 15.28 7.49
CA LEU A 393 -6.73 14.63 6.99
C LEU A 393 -7.05 13.39 7.82
N LEU A 394 -6.03 12.64 8.21
CA LEU A 394 -6.26 11.44 9.01
C LEU A 394 -6.81 11.82 10.39
N ALA A 395 -6.32 12.90 10.97
CA ALA A 395 -6.86 13.37 12.24
C ALA A 395 -8.32 13.76 12.08
N GLY A 396 -8.64 14.45 10.98
CA GLY A 396 -10.02 14.81 10.76
C GLY A 396 -10.93 13.60 10.61
N LEU A 397 -10.47 12.60 9.87
CA LEU A 397 -11.30 11.42 9.63
C LEU A 397 -11.48 10.61 10.91
N MET A 398 -10.39 10.38 11.65
CA MET A 398 -10.46 9.51 12.80
C MET A 398 -11.22 10.15 13.95
N GLY A 399 -10.93 11.42 14.23
CA GLY A 399 -11.55 12.08 15.37
C GLY A 399 -10.59 12.26 16.53
N GLY A 400 -9.31 12.34 16.22
CA GLY A 400 -8.30 12.57 17.24
C GLY A 400 -8.18 11.44 18.26
N SER A 401 -8.37 10.20 17.84
CA SER A 401 -8.19 9.08 18.74
C SER A 401 -6.71 8.78 18.93
N MET A 402 -6.36 8.29 20.11
CA MET A 402 -4.97 7.98 20.39
C MET A 402 -4.44 6.87 19.50
N LEU A 403 -5.31 6.06 18.90
CA LEU A 403 -4.85 5.02 17.99
C LEU A 403 -4.11 5.63 16.81
N LEU A 404 -4.69 6.66 16.20
CA LEU A 404 -4.06 7.28 15.04
C LEU A 404 -2.72 7.88 15.42
N TRP A 405 -2.65 8.54 16.59
CA TRP A 405 -1.41 9.17 16.99
C TRP A 405 -0.34 8.12 17.27
N ALA A 406 -0.71 7.00 17.88
CA ALA A 406 0.24 5.93 18.10
C ALA A 406 0.75 5.38 16.78
N VAL A 407 -0.16 5.18 15.82
CA VAL A 407 0.24 4.66 14.53
C VAL A 407 1.19 5.63 13.84
N LEU A 408 0.90 6.93 13.93
CA LEU A 408 1.75 7.93 13.28
C LEU A 408 3.12 7.99 13.94
N ALA A 409 3.17 7.86 15.27
CA ALA A 409 4.46 7.84 15.94
C ALA A 409 5.28 6.64 15.47
N GLY A 410 4.65 5.47 15.40
CA GLY A 410 5.34 4.30 14.90
C GLY A 410 5.84 4.52 13.48
N ALA A 411 5.01 5.11 12.62
CA ALA A 411 5.39 5.33 11.24
C ALA A 411 6.56 6.31 11.14
N VAL A 412 6.56 7.35 11.95
CA VAL A 412 7.63 8.33 11.90
C VAL A 412 8.95 7.70 12.33
N VAL A 413 8.92 6.94 13.43
CA VAL A 413 10.13 6.25 13.85
C VAL A 413 10.59 5.30 12.76
N LEU A 414 9.65 4.60 12.14
CA LEU A 414 9.99 3.67 11.08
C LEU A 414 10.67 4.37 9.93
N ALA A 415 10.14 5.52 9.52
CA ALA A 415 10.71 6.24 8.38
C ALA A 415 12.12 6.73 8.70
N LEU A 416 12.31 7.29 9.89
CA LEU A 416 13.64 7.77 10.25
C LEU A 416 14.65 6.63 10.26
N LEU A 417 14.29 5.52 10.92
CA LEU A 417 15.17 4.37 10.95
C LEU A 417 15.42 3.83 9.55
N CYS A 418 14.38 3.87 8.70
CA CYS A 418 14.52 3.39 7.33
C CYS A 418 15.56 4.20 6.57
N GLY A 419 15.49 5.53 6.68
CA GLY A 419 16.48 6.35 6.02
C GLY A 419 17.88 6.06 6.50
N VAL A 420 18.06 6.01 7.82
CA VAL A 420 19.40 5.80 8.37
C VAL A 420 19.94 4.44 7.92
N LEU A 421 19.13 3.40 8.05
CA LEU A 421 19.58 2.05 7.71
C LEU A 421 19.84 1.91 6.22
N GLY A 422 19.02 2.56 5.38
CA GLY A 422 19.27 2.51 3.95
C GLY A 422 20.58 3.16 3.58
N TRP A 423 20.87 4.32 4.18
CA TRP A 423 22.15 4.98 3.90
C TRP A 423 23.31 4.09 4.34
N MET A 424 23.22 3.52 5.54
CA MET A 424 24.29 2.66 6.01
C MET A 424 24.46 1.44 5.12
N LEU A 425 23.35 0.85 4.68
CA LEU A 425 23.43 -0.33 3.84
C LEU A 425 24.07 0.00 2.49
N LEU A 426 23.71 1.13 1.91
CA LEU A 426 24.32 1.53 0.65
C LEU A 426 25.83 1.69 0.82
N ASN A 427 26.24 2.36 1.90
CA ASN A 427 27.67 2.55 2.14
C ASN A 427 28.38 1.23 2.31
N VAL A 428 27.75 0.29 3.01
CA VAL A 428 28.37 -1.01 3.21
C VAL A 428 28.50 -1.76 1.88
N LEU A 429 27.42 -1.79 1.11
CA LEU A 429 27.40 -2.62 -0.09
C LEU A 429 28.31 -2.06 -1.18
N ARG A 430 28.51 -0.75 -1.20
CA ARG A 430 29.41 -0.18 -2.20
C ARG A 430 30.84 -0.68 -2.05
N ARG A 431 31.21 -1.18 -0.87
CA ARG A 431 32.54 -1.70 -0.62
C ARG A 431 32.58 -3.21 -0.53
N MET A 432 31.47 -3.88 -0.79
CA MET A 432 31.38 -5.32 -0.59
C MET A 432 31.61 -6.07 -1.89
N THR A 433 32.28 -7.21 -1.80
CA THR A 433 32.57 -8.06 -2.94
C THR A 433 32.01 -9.45 -2.69
N LEU A 434 31.32 -10.01 -3.67
CA LEU A 434 30.62 -11.28 -3.55
C LEU A 434 31.18 -12.28 -4.55
N LYS A 435 30.60 -13.47 -4.56
CA LYS A 435 31.02 -14.51 -5.49
C LYS A 435 29.86 -15.11 -6.27
N SER A 436 28.70 -15.26 -5.65
CA SER A 436 27.55 -15.82 -6.37
C SER A 436 27.07 -14.85 -7.43
N LEU A 437 26.89 -15.35 -8.64
CA LEU A 437 26.43 -14.48 -9.73
C LEU A 437 25.06 -13.88 -9.49
N PRO A 438 24.03 -14.66 -9.14
CA PRO A 438 22.71 -14.02 -8.92
C PRO A 438 22.77 -12.99 -7.82
N LEU A 439 23.55 -13.26 -6.77
CA LEU A 439 23.69 -12.29 -5.70
C LEU A 439 24.34 -11.00 -6.20
N ARG A 440 25.38 -11.13 -7.02
CA ARG A 440 26.02 -9.94 -7.56
C ARG A 440 25.04 -9.12 -8.39
N LEU A 441 24.26 -9.80 -9.22
CA LEU A 441 23.30 -9.09 -10.04
C LEU A 441 22.26 -8.38 -9.19
N ALA A 442 21.74 -9.06 -8.16
CA ALA A 442 20.75 -8.42 -7.30
C ALA A 442 21.33 -7.21 -6.59
N VAL A 443 22.55 -7.33 -6.08
CA VAL A 443 23.16 -6.22 -5.37
C VAL A 443 23.37 -5.04 -6.31
N SER A 444 23.87 -5.30 -7.52
CA SER A 444 24.09 -4.22 -8.46
C SER A 444 22.78 -3.54 -8.82
N ARG A 445 21.73 -4.33 -9.04
CA ARG A 445 20.44 -3.75 -9.38
C ARG A 445 19.91 -2.89 -8.25
N LEU A 446 20.05 -3.35 -7.01
CA LEU A 446 19.58 -2.55 -5.89
C LEU A 446 20.37 -1.26 -5.76
N LEU A 447 21.68 -1.32 -6.00
CA LEU A 447 22.49 -0.13 -5.81
C LEU A 447 22.32 0.89 -6.92
N ARG A 448 21.99 0.44 -8.14
CA ARG A 448 22.02 1.35 -9.28
C ARG A 448 21.04 2.50 -9.12
N GLN A 449 19.83 2.22 -8.63
CA GLN A 449 18.79 3.23 -8.50
C GLN A 449 18.41 3.34 -7.03
N PRO A 450 19.08 4.22 -6.28
CA PRO A 450 18.87 4.21 -4.82
C PRO A 450 17.51 4.73 -4.40
N TRP A 451 17.03 5.82 -5.00
CA TRP A 451 15.81 6.44 -4.48
C TRP A 451 14.58 5.56 -4.72
N SER A 452 14.48 4.96 -5.90
CA SER A 452 13.37 4.05 -6.14
C SER A 452 13.41 2.87 -5.20
N THR A 453 14.61 2.33 -4.98
CA THR A 453 14.77 1.23 -4.03
C THR A 453 14.31 1.65 -2.65
N LEU A 454 14.67 2.86 -2.23
CA LEU A 454 14.28 3.33 -0.91
C LEU A 454 12.77 3.47 -0.81
N SER A 455 12.13 3.96 -1.86
CA SER A 455 10.68 4.10 -1.84
C SER A 455 10.01 2.73 -1.69
N GLN A 456 10.47 1.76 -2.49
CA GLN A 456 9.90 0.42 -2.39
C GLN A 456 10.11 -0.15 -1.00
N LEU A 457 11.32 0.03 -0.45
CA LEU A 457 11.63 -0.51 0.87
C LEU A 457 10.74 0.11 1.93
N SER A 458 10.52 1.42 1.85
CA SER A 458 9.67 2.08 2.83
C SER A 458 8.25 1.57 2.76
N ALA A 459 7.71 1.40 1.55
CA ALA A 459 6.34 0.89 1.43
C ALA A 459 6.22 -0.50 2.02
N PHE A 460 7.18 -1.38 1.71
CA PHE A 460 7.12 -2.72 2.26
C PHE A 460 7.24 -2.71 3.77
N SER A 461 8.10 -1.85 4.31
CA SER A 461 8.24 -1.75 5.75
C SER A 461 6.93 -1.33 6.40
N LEU A 462 6.26 -0.35 5.79
CA LEU A 462 4.98 0.09 6.35
C LEU A 462 3.98 -1.05 6.38
N SER A 463 3.87 -1.79 5.28
CA SER A 463 2.92 -2.89 5.24
C SER A 463 3.24 -3.95 6.28
N PHE A 464 4.50 -4.34 6.38
CA PHE A 464 4.88 -5.37 7.34
C PHE A 464 4.62 -4.90 8.76
N MET A 465 4.93 -3.64 9.06
CA MET A 465 4.72 -3.13 10.41
C MET A 465 3.24 -3.18 10.76
N LEU A 466 2.37 -2.76 9.85
CA LEU A 466 0.95 -2.80 10.14
C LEU A 466 0.48 -4.21 10.42
N LEU A 467 0.86 -5.16 9.55
CA LEU A 467 0.40 -6.52 9.73
C LEU A 467 0.90 -7.12 11.05
N ALA A 468 2.18 -6.92 11.35
CA ALA A 468 2.74 -7.49 12.56
C ALA A 468 2.11 -6.89 13.80
N LEU A 469 1.87 -5.57 13.77
CA LEU A 469 1.21 -4.93 14.89
C LEU A 469 -0.16 -5.55 15.13
N LEU A 470 -0.93 -5.73 14.06
CA LEU A 470 -2.25 -6.31 14.22
C LEU A 470 -2.17 -7.71 14.79
N LEU A 471 -1.25 -8.54 14.28
CA LEU A 471 -1.18 -9.92 14.74
C LEU A 471 -0.81 -10.00 16.21
N VAL A 472 0.19 -9.22 16.62
CA VAL A 472 0.62 -9.26 18.01
C VAL A 472 -0.49 -8.76 18.93
N LEU A 473 -1.19 -7.71 18.51
CA LEU A 473 -2.28 -7.20 19.34
C LEU A 473 -3.37 -8.24 19.49
N ARG A 474 -3.71 -8.94 18.40
CA ARG A 474 -4.72 -9.98 18.48
C ARG A 474 -4.30 -11.08 19.45
N GLY A 475 -3.03 -11.49 19.36
CA GLY A 475 -2.55 -12.52 20.27
C GLY A 475 -2.65 -12.10 21.71
N ASP A 476 -2.24 -10.86 22.01
CA ASP A 476 -2.28 -10.39 23.38
C ASP A 476 -3.71 -10.31 23.91
N LEU A 477 -4.63 -9.79 23.10
CA LEU A 477 -6.02 -9.71 23.53
C LEU A 477 -6.60 -11.08 23.77
N LEU A 478 -6.33 -12.04 22.89
CA LEU A 478 -6.86 -13.37 23.07
C LEU A 478 -6.31 -14.02 24.34
N ASP A 479 -5.02 -13.84 24.59
CA ASP A 479 -4.43 -14.39 25.81
C ASP A 479 -5.07 -13.79 27.05
N ARG A 480 -5.25 -12.46 27.04
CA ARG A 480 -5.86 -11.81 28.19
C ARG A 480 -7.28 -12.30 28.42
N TRP A 481 -8.07 -12.44 27.36
CA TRP A 481 -9.43 -12.91 27.52
C TRP A 481 -9.47 -14.34 28.02
N GLN A 482 -8.59 -15.20 27.49
CA GLN A 482 -8.55 -16.57 27.96
C GLN A 482 -8.20 -16.63 29.43
N GLN A 483 -7.27 -15.80 29.88
CA GLN A 483 -6.92 -15.76 31.29
C GLN A 483 -8.08 -15.24 32.14
N GLN A 484 -8.87 -14.30 31.59
CA GLN A 484 -9.96 -13.73 32.37
C GLN A 484 -10.99 -14.77 32.77
N LEU A 485 -11.37 -15.64 31.84
CA LEU A 485 -12.38 -16.68 32.09
C LEU A 485 -11.71 -18.03 31.89
N PRO A 486 -11.19 -18.65 32.95
CA PRO A 486 -10.61 -19.97 32.80
C PRO A 486 -11.66 -20.98 32.44
N PRO A 487 -11.28 -22.09 31.79
CA PRO A 487 -12.30 -23.10 31.42
C PRO A 487 -13.05 -23.63 32.62
N GLU A 488 -12.37 -23.80 33.75
CA GLU A 488 -13.00 -24.13 35.01
C GLU A 488 -12.81 -22.95 35.97
N SER A 489 -13.84 -22.69 36.77
CA SER A 489 -13.81 -21.55 37.68
C SER A 489 -14.79 -21.82 38.81
N PRO A 490 -14.52 -21.32 40.00
CA PRO A 490 -15.44 -21.57 41.12
C PRO A 490 -16.81 -20.97 40.89
N ASN A 491 -17.80 -21.83 40.71
CA ASN A 491 -19.17 -21.38 40.46
C ASN A 491 -19.93 -21.09 41.75
N TYR A 492 -19.30 -21.25 42.90
CA TYR A 492 -19.94 -21.00 44.18
C TYR A 492 -19.02 -20.19 45.08
N PHE A 493 -19.61 -19.25 45.80
CA PHE A 493 -18.90 -18.41 46.73
C PHE A 493 -19.48 -18.57 48.12
N LEU A 494 -18.62 -18.47 49.13
CA LEU A 494 -19.03 -18.54 50.53
C LEU A 494 -18.57 -17.28 51.23
N ILE A 495 -19.51 -16.59 51.86
CA ILE A 495 -19.26 -15.32 52.54
C ILE A 495 -19.81 -15.40 53.95
N ASN A 496 -19.44 -14.40 54.75
CA ASN A 496 -19.78 -14.35 56.17
C ASN A 496 -19.22 -15.57 56.91
N ILE A 497 -17.92 -15.78 56.75
CA ILE A 497 -17.24 -16.93 57.32
C ILE A 497 -16.46 -16.45 58.54
N ALA A 498 -16.76 -17.04 59.70
CA ALA A 498 -16.00 -16.75 60.90
C ALA A 498 -14.62 -17.39 60.82
N THR A 499 -13.67 -16.80 61.54
CA THR A 499 -12.29 -17.27 61.48
C THR A 499 -12.18 -18.71 61.95
N GLU A 500 -12.77 -19.02 63.11
CA GLU A 500 -12.71 -20.37 63.65
C GLU A 500 -13.41 -21.39 62.78
N GLN A 501 -14.23 -20.96 61.84
CA GLN A 501 -14.89 -21.85 60.90
C GLN A 501 -14.05 -22.16 59.67
N VAL A 502 -12.87 -21.54 59.54
CA VAL A 502 -12.05 -21.79 58.36
C VAL A 502 -11.64 -23.25 58.29
N ALA A 503 -11.15 -23.80 59.41
CA ALA A 503 -10.67 -25.18 59.41
C ALA A 503 -11.75 -26.21 59.12
N PRO A 504 -12.94 -26.16 59.72
CA PRO A 504 -13.95 -27.19 59.41
C PRO A 504 -14.31 -27.26 57.94
N LEU A 505 -14.74 -26.13 57.35
CA LEU A 505 -15.17 -26.14 55.95
C LEU A 505 -14.08 -26.69 55.04
N LYS A 506 -12.84 -26.26 55.27
CA LYS A 506 -11.72 -26.79 54.48
C LYS A 506 -11.73 -28.31 54.47
N ALA A 507 -11.82 -28.91 55.66
CA ALA A 507 -11.89 -30.38 55.73
C ALA A 507 -13.07 -30.90 54.96
N PHE A 508 -14.24 -30.27 55.13
CA PHE A 508 -15.40 -30.65 54.35
C PHE A 508 -15.13 -30.52 52.86
N LEU A 509 -14.46 -29.43 52.46
CA LEU A 509 -14.06 -29.29 51.06
C LEU A 509 -13.10 -30.39 50.67
N ALA A 510 -12.16 -30.73 51.57
CA ALA A 510 -11.31 -31.88 51.32
C ALA A 510 -12.11 -33.16 51.31
N GLU A 511 -13.17 -33.23 52.11
CA GLU A 511 -13.96 -34.45 52.17
C GLU A 511 -14.78 -34.65 50.90
N HIS A 512 -15.45 -33.59 50.44
CA HIS A 512 -16.36 -33.72 49.30
C HIS A 512 -15.66 -33.47 47.97
N GLN A 513 -14.52 -34.12 47.77
CA GLN A 513 -13.79 -34.12 46.51
C GLN A 513 -13.70 -32.75 45.87
N ILE A 514 -13.49 -31.71 46.68
CA ILE A 514 -13.47 -30.33 46.22
C ILE A 514 -12.10 -29.74 46.50
N VAL A 515 -11.48 -29.16 45.47
CA VAL A 515 -10.18 -28.52 45.63
C VAL A 515 -10.40 -27.19 46.36
N PRO A 516 -9.79 -26.99 47.52
CA PRO A 516 -9.93 -25.71 48.21
C PRO A 516 -9.17 -24.61 47.47
N GLU A 517 -9.61 -23.37 47.69
CA GLU A 517 -8.96 -22.24 47.06
C GLU A 517 -8.54 -21.22 48.10
N SER A 518 -8.14 -20.04 47.64
CA SER A 518 -7.66 -19.01 48.55
C SER A 518 -8.78 -18.61 49.52
N PHE A 519 -8.36 -18.05 50.65
CA PHE A 519 -9.26 -17.74 51.76
C PHE A 519 -9.07 -16.30 52.20
N TYR A 520 -9.14 -15.38 51.24
CA TYR A 520 -8.99 -13.94 51.50
C TYR A 520 -9.80 -13.50 52.70
N PRO A 521 -9.16 -13.09 53.79
CA PRO A 521 -9.90 -12.52 54.93
C PRO A 521 -10.16 -11.04 54.70
N VAL A 522 -11.42 -10.65 54.85
CA VAL A 522 -11.86 -9.31 54.46
C VAL A 522 -12.34 -8.56 55.70
N VAL A 523 -11.98 -7.28 55.77
CA VAL A 523 -12.49 -6.39 56.81
C VAL A 523 -13.06 -5.15 56.13
N ARG A 524 -14.26 -4.76 56.53
CA ARG A 524 -14.96 -3.63 55.95
C ARG A 524 -14.80 -2.41 56.84
N ALA A 525 -14.45 -1.28 56.23
CA ALA A 525 -14.24 -0.05 56.98
C ALA A 525 -14.40 1.13 56.02
N ARG A 526 -13.99 2.31 56.47
CA ARG A 526 -13.97 3.50 55.65
C ARG A 526 -12.73 4.31 55.98
N LEU A 527 -12.07 4.85 54.96
CA LEU A 527 -10.91 5.69 55.21
C LEU A 527 -11.37 7.02 55.80
N THR A 528 -10.81 7.38 56.96
CA THR A 528 -11.21 8.62 57.60
C THR A 528 -10.69 9.83 56.83
N ALA A 529 -9.41 9.81 56.46
CA ALA A 529 -8.80 10.96 55.83
C ALA A 529 -7.52 10.54 55.12
N ILE A 530 -7.05 11.42 54.23
CA ILE A 530 -5.77 11.29 53.57
C ILE A 530 -4.95 12.54 53.87
N ASN A 531 -3.74 12.35 54.41
CA ASN A 531 -2.88 13.46 54.81
C ASN A 531 -3.61 14.39 55.76
N ASP A 532 -4.41 13.79 56.66
CA ASP A 532 -5.20 14.43 57.70
C ASP A 532 -6.35 15.26 57.14
N LYS A 533 -6.50 15.35 55.82
CA LYS A 533 -7.59 16.11 55.24
C LYS A 533 -8.86 15.27 55.22
N PRO A 534 -9.92 15.69 55.91
CA PRO A 534 -11.16 14.91 55.89
C PRO A 534 -11.71 14.79 54.47
N THR A 535 -11.77 13.55 53.98
CA THR A 535 -12.16 13.29 52.60
C THR A 535 -13.63 13.54 52.35
N GLU A 536 -14.44 13.75 53.39
CA GLU A 536 -15.86 14.02 53.21
C GLU A 536 -16.06 15.26 52.35
N GLY A 537 -16.63 15.07 51.16
CA GLY A 537 -16.84 16.16 50.23
C GLY A 537 -16.31 15.85 48.85
N ASN A 538 -15.20 15.15 48.77
CA ASN A 538 -14.66 14.73 47.48
C ASN A 538 -15.59 13.73 46.82
N GLU A 539 -15.72 13.84 45.50
CA GLU A 539 -16.65 13.00 44.75
C GLU A 539 -15.91 11.77 44.25
N ASP A 540 -15.84 10.75 45.11
CA ASP A 540 -15.29 9.46 44.74
C ASP A 540 -16.21 8.37 45.26
N GLU A 541 -16.42 7.33 44.46
CA GLU A 541 -17.27 6.22 44.88
C GLU A 541 -16.70 5.51 46.09
N ALA A 542 -15.37 5.54 46.25
CA ALA A 542 -14.74 4.87 47.39
C ALA A 542 -15.17 5.51 48.70
N LEU A 543 -15.27 6.84 48.73
CA LEU A 543 -15.59 7.52 49.98
C LEU A 543 -16.95 7.11 50.51
N ASN A 544 -17.96 7.10 49.66
CA ASN A 544 -19.31 6.73 50.07
C ASN A 544 -19.58 5.25 49.84
N ARG A 545 -18.69 4.40 50.37
CA ARG A 545 -18.90 2.95 50.32
C ARG A 545 -18.01 2.31 51.37
N GLU A 546 -18.37 1.08 51.74
CA GLU A 546 -17.63 0.32 52.74
C GLU A 546 -16.46 -0.35 52.05
N LEU A 547 -15.29 0.28 52.13
CA LEU A 547 -14.10 -0.28 51.52
C LEU A 547 -13.69 -1.57 52.21
N ASN A 548 -13.10 -2.47 51.41
CA ASN A 548 -12.72 -3.79 51.87
C ASN A 548 -11.20 -3.91 51.89
N LEU A 549 -10.68 -4.50 52.96
CA LEU A 549 -9.24 -4.65 53.16
C LEU A 549 -8.91 -6.10 53.47
N THR A 550 -7.67 -6.47 53.18
CA THR A 550 -7.19 -7.82 53.43
C THR A 550 -5.71 -7.77 53.78
N TRP A 551 -5.21 -8.88 54.31
CA TRP A 551 -3.80 -9.01 54.66
C TRP A 551 -3.27 -10.30 54.06
N GLN A 552 -2.21 -10.19 53.28
CA GLN A 552 -1.56 -11.34 52.65
C GLN A 552 -0.10 -11.36 53.06
N ASN A 553 0.36 -12.53 53.52
CA ASN A 553 1.75 -12.66 53.92
C ASN A 553 2.70 -12.50 52.75
N THR A 554 2.35 -13.08 51.60
CA THR A 554 3.24 -13.15 50.46
C THR A 554 2.63 -12.38 49.28
N ARG A 555 3.33 -12.44 48.15
CA ARG A 555 2.90 -11.74 46.96
C ARG A 555 1.59 -12.30 46.45
N PRO A 556 0.65 -11.44 46.02
CA PRO A 556 -0.55 -11.94 45.34
C PRO A 556 -0.17 -12.54 43.99
N ASP A 557 -0.50 -13.83 43.82
CA ASP A 557 -0.10 -14.54 42.62
C ASP A 557 -0.75 -13.93 41.37
N HIS A 558 -2.07 -13.99 41.28
CA HIS A 558 -2.74 -13.53 40.08
C HIS A 558 -2.77 -12.01 39.96
N ASN A 559 -2.58 -11.29 41.06
CA ASN A 559 -2.58 -9.84 41.02
C ASN A 559 -1.16 -9.36 40.78
N PRO A 560 -0.85 -8.74 39.65
CA PRO A 560 0.51 -8.27 39.42
C PRO A 560 0.85 -7.06 40.29
N ILE A 561 2.14 -6.87 40.53
CA ILE A 561 2.66 -5.74 41.27
C ILE A 561 3.56 -4.94 40.32
N VAL A 562 3.31 -3.64 40.23
CA VAL A 562 4.01 -2.76 39.29
C VAL A 562 4.90 -1.76 40.03
N ALA A 563 4.30 -0.92 40.87
CA ALA A 563 5.01 0.16 41.53
C ALA A 563 5.26 -0.17 42.99
N GLY A 564 6.35 0.40 43.53
CA GLY A 564 6.69 0.18 44.92
C GLY A 564 7.38 -1.16 45.14
N ASN A 565 7.31 -1.64 46.38
CA ASN A 565 7.97 -2.86 46.81
C ASN A 565 7.02 -3.70 47.64
N TRP A 566 7.27 -5.01 47.64
CA TRP A 566 6.44 -5.94 48.36
C TRP A 566 7.27 -6.76 49.34
N PRO A 567 6.73 -7.08 50.53
CA PRO A 567 5.43 -6.67 51.07
C PRO A 567 5.50 -5.37 51.86
N PRO A 568 4.38 -4.65 51.97
CA PRO A 568 4.38 -3.44 52.78
C PRO A 568 4.48 -3.77 54.26
N LYS A 569 5.23 -2.95 54.99
CA LYS A 569 5.50 -3.19 56.39
C LYS A 569 4.44 -2.49 57.23
N ALA A 570 4.70 -2.38 58.54
CA ALA A 570 3.74 -1.77 59.45
C ALA A 570 3.43 -0.33 59.04
N ASP A 571 2.15 0.04 59.14
CA ASP A 571 1.67 1.37 58.80
C ASP A 571 1.92 1.72 57.35
N GLU A 572 2.04 0.71 56.49
CA GLU A 572 2.18 0.88 55.05
C GLU A 572 1.37 -0.21 54.38
N VAL A 573 0.59 0.17 53.36
CA VAL A 573 -0.32 -0.77 52.71
C VAL A 573 -0.22 -0.56 51.21
N SER A 574 -0.09 -1.67 50.46
CA SER A 574 -0.16 -1.59 49.01
C SER A 574 -1.55 -1.16 48.58
N MET A 575 -1.59 -0.26 47.60
CA MET A 575 -2.85 0.28 47.11
C MET A 575 -2.92 0.14 45.59
N GLU A 576 -4.15 0.11 45.09
CA GLU A 576 -4.36 0.02 43.66
C GLU A 576 -3.89 1.29 42.97
N GLU A 577 -3.21 1.11 41.83
CA GLU A 577 -2.66 2.25 41.10
C GLU A 577 -3.77 3.18 40.61
N GLY A 578 -4.87 2.61 40.09
CA GLY A 578 -5.94 3.45 39.58
C GLY A 578 -6.61 4.27 40.66
N LEU A 579 -6.83 3.67 41.83
CA LEU A 579 -7.42 4.41 42.94
C LEU A 579 -6.48 5.52 43.39
N ALA A 580 -5.18 5.26 43.43
CA ALA A 580 -4.23 6.31 43.78
C ALA A 580 -4.28 7.44 42.77
N LYS A 581 -4.38 7.11 41.49
CA LYS A 581 -4.43 8.13 40.45
C LYS A 581 -5.68 8.99 40.59
N ARG A 582 -6.84 8.35 40.77
CA ARG A 582 -8.07 9.11 40.89
C ARG A 582 -8.17 9.85 42.22
N LEU A 583 -7.40 9.42 43.22
CA LEU A 583 -7.39 10.08 44.52
C LEU A 583 -6.24 11.07 44.68
N ASN A 584 -5.33 11.14 43.71
CA ASN A 584 -4.20 12.08 43.73
C ASN A 584 -3.42 11.97 45.03
N VAL A 585 -2.84 10.78 45.24
CA VAL A 585 -2.05 10.49 46.42
C VAL A 585 -0.69 9.98 45.98
N ALA A 586 0.29 10.12 46.87
CA ALA A 586 1.66 9.71 46.62
C ALA A 586 2.05 8.61 47.61
N LEU A 587 3.26 8.10 47.42
CA LEU A 587 3.78 7.07 48.32
C LEU A 587 4.05 7.67 49.69
N GLY A 588 3.78 6.87 50.73
CA GLY A 588 3.99 7.34 52.08
C GLY A 588 2.99 8.33 52.60
N ASP A 589 1.87 8.52 51.91
CA ASP A 589 0.87 9.47 52.35
C ASP A 589 0.19 8.98 53.62
N THR A 590 -0.06 9.91 54.55
CA THR A 590 -0.71 9.59 55.82
C THR A 590 -2.20 9.37 55.55
N VAL A 591 -2.64 8.12 55.56
CA VAL A 591 -4.04 7.79 55.32
C VAL A 591 -4.57 7.04 56.54
N THR A 592 -5.67 7.54 57.10
CA THR A 592 -6.27 6.98 58.30
C THR A 592 -7.67 6.46 57.94
N PHE A 593 -7.96 5.25 58.38
CA PHE A 593 -9.23 4.57 58.10
C PHE A 593 -10.02 4.40 59.39
N MET A 594 -11.31 4.72 59.33
CA MET A 594 -12.20 4.66 60.48
C MET A 594 -13.09 3.44 60.37
N GLY A 595 -13.02 2.56 61.38
CA GLY A 595 -13.88 1.40 61.43
C GLY A 595 -14.01 0.83 62.83
N ASP A 596 -15.25 0.67 63.29
CA ASP A 596 -15.53 0.14 64.63
C ASP A 596 -14.79 0.93 65.71
N THR A 597 -14.70 2.25 65.51
CA THR A 597 -14.00 3.14 66.43
C THR A 597 -12.56 2.71 66.65
N GLN A 598 -11.94 2.14 65.61
CA GLN A 598 -10.55 1.69 65.66
C GLN A 598 -9.79 2.27 64.48
N GLU A 599 -9.96 3.57 64.25
CA GLU A 599 -9.32 4.23 63.13
C GLU A 599 -7.80 4.05 63.18
N PHE A 600 -7.26 3.37 62.18
CA PHE A 600 -5.83 3.08 62.11
C PHE A 600 -5.20 3.84 60.95
N ARG A 601 -3.96 4.25 61.14
CA ARG A 601 -3.22 5.02 60.15
C ARG A 601 -2.21 4.13 59.44
N ALA A 602 -1.91 4.49 58.19
CA ALA A 602 -0.95 3.76 57.38
C ALA A 602 -0.42 4.70 56.30
N LYS A 603 0.60 4.21 55.59
CA LYS A 603 1.24 4.93 54.50
C LYS A 603 1.06 4.17 53.19
N VAL A 604 1.72 4.67 52.15
CA VAL A 604 1.69 4.07 50.82
C VAL A 604 3.12 3.73 50.43
N THR A 605 3.34 2.48 50.04
CA THR A 605 4.68 2.03 49.69
C THR A 605 4.74 1.21 48.41
N SER A 606 3.61 0.90 47.78
CA SER A 606 3.60 0.08 46.58
C SER A 606 2.25 0.20 45.90
N LEU A 607 2.28 0.15 44.57
CA LEU A 607 1.06 0.21 43.76
C LEU A 607 1.04 -1.00 42.83
N ARG A 608 -0.11 -1.66 42.76
CA ARG A 608 -0.30 -2.85 41.95
C ARG A 608 -1.34 -2.57 40.88
N LYS A 609 -1.04 -2.93 39.64
CA LYS A 609 -1.99 -2.78 38.54
C LYS A 609 -3.03 -3.89 38.68
N VAL A 610 -4.21 -3.54 39.20
CA VAL A 610 -5.27 -4.50 39.47
C VAL A 610 -6.30 -4.42 38.37
N ASP A 611 -6.61 -5.55 37.75
CA ASP A 611 -7.61 -5.63 36.69
C ASP A 611 -8.95 -6.04 37.30
N TRP A 612 -9.95 -5.19 37.14
CA TRP A 612 -11.28 -5.45 37.70
C TRP A 612 -12.16 -6.16 36.67
N GLU A 613 -11.67 -7.30 36.22
CA GLU A 613 -12.37 -8.12 35.25
C GLU A 613 -12.52 -9.57 35.72
N SER A 614 -11.50 -10.12 36.38
CA SER A 614 -11.55 -11.50 36.81
C SER A 614 -12.57 -11.68 37.93
N LEU A 615 -13.14 -12.88 38.00
CA LEU A 615 -14.07 -13.20 39.06
C LEU A 615 -13.40 -13.27 40.42
N ARG A 616 -12.08 -13.41 40.44
CA ARG A 616 -11.35 -13.45 41.70
C ARG A 616 -11.49 -12.11 42.41
N PRO A 617 -11.78 -12.11 43.71
CA PRO A 617 -11.96 -10.83 44.42
C PRO A 617 -10.70 -10.00 44.38
N ASN A 618 -10.88 -8.69 44.27
CA ASN A 618 -9.77 -7.75 44.19
C ASN A 618 -9.97 -6.66 45.24
N PHE A 619 -8.92 -6.40 46.01
CA PHE A 619 -8.96 -5.42 47.08
C PHE A 619 -8.08 -4.23 46.75
N TYR A 620 -8.58 -3.04 47.04
CA TYR A 620 -7.77 -1.84 46.84
C TYR A 620 -6.57 -1.83 47.79
N PHE A 621 -6.77 -2.25 49.03
CA PHE A 621 -5.75 -2.18 50.06
C PHE A 621 -5.43 -3.58 50.56
N ILE A 622 -4.15 -3.89 50.66
CA ILE A 622 -3.67 -5.14 51.23
C ILE A 622 -2.82 -4.79 52.44
N PHE A 623 -3.40 -4.90 53.63
CA PHE A 623 -2.70 -4.55 54.85
C PHE A 623 -1.66 -5.62 55.20
N PRO A 624 -0.67 -5.27 56.01
CA PRO A 624 0.27 -6.28 56.50
C PRO A 624 -0.44 -7.32 57.36
N GLU A 625 0.13 -8.51 57.41
CA GLU A 625 -0.49 -9.61 58.13
C GLU A 625 -0.68 -9.26 59.59
N GLY A 626 -1.88 -9.53 60.11
CA GLY A 626 -2.17 -9.27 61.51
C GLY A 626 -2.06 -7.81 61.90
N ALA A 627 -2.57 -6.91 61.06
CA ALA A 627 -2.48 -5.48 61.33
C ALA A 627 -3.78 -4.89 61.86
N LEU A 628 -4.92 -5.51 61.57
CA LEU A 628 -6.23 -4.97 61.94
C LEU A 628 -7.03 -6.01 62.71
N ASP A 629 -6.38 -6.62 63.70
CA ASP A 629 -7.04 -7.67 64.48
C ASP A 629 -8.27 -7.14 65.22
N GLY A 630 -8.28 -5.86 65.55
CA GLY A 630 -9.42 -5.30 66.26
C GLY A 630 -10.70 -5.35 65.44
N GLN A 631 -10.60 -5.10 64.14
CA GLN A 631 -11.77 -5.15 63.29
C GLN A 631 -12.25 -6.59 63.13
N PRO A 632 -13.56 -6.79 62.91
CA PRO A 632 -14.07 -8.15 62.68
C PRO A 632 -13.58 -8.74 61.37
N GLN A 633 -12.78 -9.79 61.45
CA GLN A 633 -12.15 -10.39 60.28
C GLN A 633 -13.11 -11.39 59.64
N SER A 634 -13.87 -10.92 58.66
CA SER A 634 -14.71 -11.81 57.88
C SER A 634 -13.86 -12.63 56.91
N TRP A 635 -14.44 -13.73 56.44
CA TRP A 635 -13.73 -14.61 55.52
C TRP A 635 -14.62 -14.94 54.33
N LEU A 636 -13.98 -15.16 53.19
CA LEU A 636 -14.66 -15.42 51.93
C LEU A 636 -13.85 -16.44 51.15
N THR A 637 -14.53 -17.40 50.55
CA THR A 637 -13.86 -18.42 49.75
C THR A 637 -14.73 -18.78 48.56
N SER A 638 -14.20 -19.64 47.70
CA SER A 638 -14.91 -20.03 46.49
C SER A 638 -14.55 -21.46 46.14
N PHE A 639 -15.45 -22.10 45.39
CA PHE A 639 -15.21 -23.46 44.92
C PHE A 639 -16.09 -23.73 43.71
N ARG A 640 -15.72 -24.75 42.96
CA ARG A 640 -16.41 -25.12 41.73
C ARG A 640 -17.11 -26.45 41.92
N TRP A 641 -18.39 -26.51 41.54
CA TRP A 641 -19.14 -27.75 41.58
C TRP A 641 -20.02 -27.86 40.34
N GLU A 642 -20.26 -29.09 39.90
CA GLU A 642 -20.98 -29.31 38.65
C GLU A 642 -21.97 -30.47 38.68
N ASN A 643 -22.32 -31.02 39.84
CA ASN A 643 -23.18 -32.21 39.87
C ASN A 643 -23.91 -32.30 41.21
N GLY A 644 -25.23 -32.13 41.18
CA GLY A 644 -26.05 -32.32 42.36
C GLY A 644 -25.96 -31.15 43.33
N ASN A 645 -26.85 -31.18 44.31
CA ASN A 645 -26.91 -30.12 45.31
C ASN A 645 -27.20 -30.61 46.72
N GLY A 646 -27.29 -31.93 46.95
CA GLY A 646 -27.57 -32.41 48.29
C GLY A 646 -26.48 -32.05 49.28
N MET A 647 -25.22 -32.14 48.85
CA MET A 647 -24.11 -31.69 49.69
C MET A 647 -24.21 -30.20 50.01
N LEU A 648 -24.79 -29.41 49.10
CA LEU A 648 -25.05 -28.01 49.44
C LEU A 648 -26.02 -27.90 50.60
N THR A 649 -27.06 -28.73 50.59
CA THR A 649 -27.99 -28.77 51.72
C THR A 649 -27.30 -29.22 52.99
N GLN A 650 -26.42 -30.21 52.88
CA GLN A 650 -25.67 -30.67 54.05
C GLN A 650 -24.81 -29.54 54.62
N LEU A 651 -24.17 -28.77 53.74
CA LEU A 651 -23.37 -27.64 54.19
C LEU A 651 -24.23 -26.57 54.82
N ASN A 652 -25.40 -26.29 54.23
CA ASN A 652 -26.30 -25.29 54.79
C ASN A 652 -26.76 -25.70 56.18
N ARG A 653 -27.08 -26.97 56.38
CA ARG A 653 -27.38 -27.46 57.72
C ARG A 653 -26.17 -27.33 58.62
N GLN A 654 -24.99 -27.61 58.08
CA GLN A 654 -23.77 -27.56 58.88
C GLN A 654 -23.46 -26.13 59.33
N PHE A 655 -23.52 -25.18 58.40
CA PHE A 655 -23.20 -23.78 58.67
C PHE A 655 -24.29 -22.90 58.08
N PRO A 656 -25.46 -22.83 58.73
CA PRO A 656 -26.52 -21.94 58.24
C PRO A 656 -26.15 -20.47 58.31
N THR A 657 -25.17 -20.10 59.15
CA THR A 657 -24.77 -18.70 59.25
C THR A 657 -24.02 -18.26 58.00
N ILE A 658 -23.14 -19.13 57.47
CA ILE A 658 -22.37 -18.79 56.28
C ILE A 658 -23.28 -18.72 55.07
N SER A 659 -23.17 -17.64 54.31
CA SER A 659 -24.01 -17.46 53.14
C SER A 659 -23.34 -18.03 51.90
N LEU A 660 -24.13 -18.67 51.05
CA LEU A 660 -23.68 -19.29 49.82
C LEU A 660 -24.27 -18.54 48.64
N LEU A 661 -23.44 -18.26 47.65
CA LEU A 661 -23.84 -17.51 46.45
C LEU A 661 -23.52 -18.33 45.21
N ASP A 662 -24.48 -18.43 44.31
CA ASP A 662 -24.29 -19.07 43.01
C ASP A 662 -24.09 -18.01 41.94
N ILE A 663 -23.18 -18.28 41.01
CA ILE A 663 -22.86 -17.32 39.97
C ILE A 663 -22.89 -18.00 38.61
N GLY A 664 -23.58 -19.13 38.52
CA GLY A 664 -23.69 -19.82 37.24
C GLY A 664 -24.32 -18.95 36.17
N ALA A 665 -25.31 -18.14 36.56
CA ALA A 665 -25.92 -17.21 35.61
C ALA A 665 -24.90 -16.21 35.10
N ILE A 666 -24.05 -15.70 35.99
CA ILE A 666 -23.04 -14.74 35.56
C ILE A 666 -22.05 -15.38 34.61
N LEU A 667 -21.63 -16.61 34.91
CA LEU A 667 -20.73 -17.32 34.01
C LEU A 667 -21.39 -17.53 32.65
N LYS A 668 -22.66 -17.91 32.63
CA LYS A 668 -23.36 -18.08 31.37
C LYS A 668 -23.41 -16.76 30.60
N GLN A 669 -23.66 -15.67 31.31
CA GLN A 669 -23.72 -14.37 30.66
C GLN A 669 -22.38 -14.00 30.05
N VAL A 670 -21.31 -14.15 30.81
CA VAL A 670 -20.01 -13.73 30.32
C VAL A 670 -19.51 -14.64 29.20
N GLY A 671 -19.91 -15.92 29.22
CA GLY A 671 -19.42 -16.84 28.21
C GLY A 671 -19.84 -16.44 26.81
N GLN A 672 -21.10 -16.09 26.64
CA GLN A 672 -21.58 -15.70 25.31
C GLN A 672 -20.89 -14.43 24.83
N VAL A 673 -20.71 -13.47 25.71
CA VAL A 673 -20.05 -12.22 25.33
C VAL A 673 -18.62 -12.52 24.87
N LEU A 674 -17.90 -13.33 25.65
CA LEU A 674 -16.53 -13.64 25.30
C LEU A 674 -16.46 -14.38 23.98
N GLU A 675 -17.36 -15.34 23.78
CA GLU A 675 -17.35 -16.11 22.53
C GLU A 675 -17.59 -15.20 21.34
N GLN A 676 -18.58 -14.31 21.44
CA GLN A 676 -18.88 -13.43 20.32
C GLN A 676 -17.72 -12.49 20.03
N VAL A 677 -17.10 -11.94 21.08
CA VAL A 677 -15.97 -11.06 20.87
C VAL A 677 -14.82 -11.79 20.19
N SER A 678 -14.56 -13.03 20.64
CA SER A 678 -13.48 -13.80 20.03
C SER A 678 -13.77 -14.10 18.57
N ARG A 679 -15.02 -14.43 18.24
CA ARG A 679 -15.35 -14.64 16.83
C ARG A 679 -15.12 -13.38 16.03
N ALA A 680 -15.49 -12.22 16.60
CA ALA A 680 -15.26 -10.96 15.91
C ALA A 680 -13.77 -10.76 15.63
N LEU A 681 -12.93 -11.01 16.64
CA LEU A 681 -11.50 -10.80 16.44
C LEU A 681 -10.93 -11.75 15.41
N GLU A 682 -11.34 -13.02 15.46
CA GLU A 682 -10.82 -13.98 14.49
C GLU A 682 -11.17 -13.57 13.08
N VAL A 683 -12.44 -13.21 12.86
CA VAL A 683 -12.86 -12.88 11.49
C VAL A 683 -12.17 -11.61 11.01
N MET A 684 -12.06 -10.61 11.88
CA MET A 684 -11.40 -9.37 11.48
C MET A 684 -9.94 -9.61 11.13
N VAL A 685 -9.24 -10.39 11.96
CA VAL A 685 -7.83 -10.65 11.70
C VAL A 685 -7.65 -11.38 10.39
N VAL A 686 -8.46 -12.41 10.15
CA VAL A 686 -8.33 -13.18 8.92
C VAL A 686 -8.54 -12.27 7.71
N LEU A 687 -9.61 -11.47 7.74
CA LEU A 687 -9.90 -10.61 6.60
C LEU A 687 -8.77 -9.62 6.35
N VAL A 688 -8.32 -8.95 7.42
CA VAL A 688 -7.29 -7.93 7.23
C VAL A 688 -6.01 -8.55 6.71
N THR A 689 -5.59 -9.68 7.27
CA THR A 689 -4.32 -10.26 6.83
C THR A 689 -4.41 -10.75 5.40
N ALA A 690 -5.55 -11.35 5.00
CA ALA A 690 -5.67 -11.78 3.61
C ALA A 690 -5.60 -10.61 2.66
N CYS A 691 -6.30 -9.53 2.99
CA CYS A 691 -6.38 -8.43 2.03
C CYS A 691 -5.06 -7.65 2.01
N GLY A 692 -4.37 -7.62 3.14
CA GLY A 692 -3.03 -7.04 3.16
C GLY A 692 -2.05 -7.86 2.35
N MET A 693 -2.18 -9.19 2.39
CA MET A 693 -1.36 -10.01 1.51
C MET A 693 -1.66 -9.70 0.04
N LEU A 694 -2.93 -9.49 -0.29
CA LEU A 694 -3.26 -9.12 -1.66
C LEU A 694 -2.59 -7.81 -2.05
N LEU A 695 -2.63 -6.82 -1.16
CA LEU A 695 -1.99 -5.54 -1.46
C LEU A 695 -0.48 -5.70 -1.63
N LEU A 696 0.12 -6.56 -0.80
CA LEU A 696 1.55 -6.82 -0.96
C LEU A 696 1.85 -7.43 -2.31
N LEU A 697 1.00 -8.36 -2.76
CA LEU A 697 1.19 -8.93 -4.09
C LEU A 697 1.10 -7.85 -5.15
N ALA A 698 0.14 -6.93 -5.01
CA ALA A 698 0.02 -5.85 -5.98
C ALA A 698 1.28 -5.00 -6.03
N GLN A 699 1.80 -4.65 -4.85
CA GLN A 699 3.01 -3.83 -4.82
C GLN A 699 4.18 -4.56 -5.47
N VAL A 700 4.33 -5.85 -5.18
CA VAL A 700 5.43 -6.60 -5.77
C VAL A 700 5.28 -6.66 -7.27
N GLN A 701 4.05 -6.84 -7.76
CA GLN A 701 3.85 -6.89 -9.20
C GLN A 701 4.25 -5.57 -9.85
N VAL A 702 3.88 -4.45 -9.23
CA VAL A 702 4.29 -3.16 -9.78
C VAL A 702 5.81 -3.04 -9.78
N GLY A 703 6.43 -3.43 -8.67
CA GLY A 703 7.89 -3.35 -8.60
C GLY A 703 8.57 -4.15 -9.69
N MET A 704 8.04 -5.35 -9.97
CA MET A 704 8.63 -6.14 -11.05
C MET A 704 8.35 -5.50 -12.40
N ARG A 705 7.17 -4.93 -12.57
CA ARG A 705 6.88 -4.21 -13.81
C ARG A 705 7.88 -3.09 -14.05
N GLN A 706 8.40 -2.51 -12.98
CA GLN A 706 9.45 -1.50 -13.15
C GLN A 706 10.68 -2.10 -13.82
N ARG A 707 11.08 -3.30 -13.42
CA ARG A 707 12.27 -3.94 -13.96
C ARG A 707 11.97 -4.83 -15.15
N HIS A 708 10.92 -4.53 -15.91
CA HIS A 708 10.55 -5.42 -17.00
C HIS A 708 11.59 -5.41 -18.12
N GLN A 709 12.09 -4.23 -18.48
CA GLN A 709 13.00 -4.12 -19.61
C GLN A 709 14.31 -4.85 -19.35
N GLU A 710 14.86 -4.69 -18.15
CA GLU A 710 16.11 -5.38 -17.83
C GLU A 710 15.93 -6.89 -17.90
N LEU A 711 14.80 -7.38 -17.39
CA LEU A 711 14.54 -8.82 -17.46
C LEU A 711 14.44 -9.29 -18.90
N VAL A 712 13.75 -8.52 -19.75
CA VAL A 712 13.60 -8.92 -21.15
C VAL A 712 14.96 -8.96 -21.83
N VAL A 713 15.81 -7.97 -21.57
CA VAL A 713 17.14 -7.96 -22.17
C VAL A 713 17.93 -9.17 -21.69
N TRP A 714 17.86 -9.46 -20.40
CA TRP A 714 18.56 -10.62 -19.86
C TRP A 714 18.13 -11.89 -20.56
N ARG A 715 16.81 -12.07 -20.71
CA ARG A 715 16.31 -13.27 -21.36
C ARG A 715 16.76 -13.35 -22.80
N THR A 716 16.74 -12.22 -23.51
CA THR A 716 17.18 -12.23 -24.90
C THR A 716 18.64 -12.62 -25.01
N LEU A 717 19.48 -12.12 -24.09
CA LEU A 717 20.89 -12.48 -24.13
C LEU A 717 21.09 -13.97 -23.91
N GLY A 718 20.16 -14.64 -23.22
CA GLY A 718 20.24 -16.06 -23.07
C GLY A 718 20.34 -16.54 -21.64
N ALA A 719 19.93 -15.70 -20.70
CA ALA A 719 19.94 -16.13 -19.30
C ALA A 719 18.92 -17.24 -19.09
N GLY A 720 19.35 -18.29 -18.39
CA GLY A 720 18.46 -19.39 -18.13
C GLY A 720 17.39 -19.02 -17.12
N LYS A 721 16.35 -19.86 -17.08
CA LYS A 721 15.26 -19.62 -16.13
C LYS A 721 15.77 -19.71 -14.69
N LYS A 722 16.67 -20.65 -14.42
CA LYS A 722 17.16 -20.82 -13.06
C LYS A 722 17.85 -19.56 -12.57
N LEU A 723 18.67 -18.95 -13.42
CA LEU A 723 19.40 -17.76 -13.02
C LEU A 723 18.44 -16.61 -12.69
N LEU A 724 17.44 -16.40 -13.55
CA LEU A 724 16.50 -15.31 -13.31
C LEU A 724 15.69 -15.55 -12.04
N ARG A 725 15.19 -16.77 -11.86
CA ARG A 725 14.43 -17.06 -10.66
C ARG A 725 15.29 -16.85 -9.42
N THR A 726 16.54 -17.30 -9.46
CA THR A 726 17.42 -17.13 -8.31
C THR A 726 17.69 -15.66 -8.03
N THR A 727 17.94 -14.87 -9.07
CA THR A 727 18.24 -13.46 -8.85
C THR A 727 17.05 -12.73 -8.26
N LEU A 728 15.86 -13.00 -8.78
CA LEU A 728 14.68 -12.38 -8.19
C LEU A 728 14.49 -12.81 -6.75
N TRP A 729 14.70 -14.10 -6.48
CA TRP A 729 14.62 -14.60 -5.11
C TRP A 729 15.54 -13.80 -4.21
N CYS A 730 16.80 -13.69 -4.59
CA CYS A 730 17.79 -13.06 -3.72
C CYS A 730 17.46 -11.59 -3.51
N GLU A 731 17.12 -10.88 -4.59
CA GLU A 731 16.85 -9.45 -4.46
C GLU A 731 15.66 -9.22 -3.54
N PHE A 732 14.54 -9.89 -3.80
CA PHE A 732 13.37 -9.64 -2.97
C PHE A 732 13.57 -10.16 -1.56
N ALA A 733 14.41 -11.19 -1.38
CA ALA A 733 14.67 -11.68 -0.04
C ALA A 733 15.41 -10.64 0.77
N MET A 734 16.46 -10.03 0.20
CA MET A 734 17.15 -8.98 0.94
C MET A 734 16.24 -7.80 1.20
N LEU A 735 15.44 -7.41 0.21
CA LEU A 735 14.52 -6.30 0.41
C LEU A 735 13.56 -6.58 1.55
N GLY A 736 12.92 -7.76 1.52
CA GLY A 736 11.99 -8.11 2.57
C GLY A 736 12.63 -8.26 3.93
N PHE A 737 13.86 -8.76 3.96
CA PHE A 737 14.53 -8.93 5.25
C PHE A 737 14.80 -7.58 5.90
N VAL A 738 15.38 -6.65 5.14
CA VAL A 738 15.63 -5.33 5.71
C VAL A 738 14.32 -4.65 6.07
N SER A 739 13.31 -4.79 5.21
CA SER A 739 12.03 -4.15 5.46
C SER A 739 11.41 -4.66 6.74
N GLY A 740 11.44 -5.98 6.94
CA GLY A 740 10.91 -6.56 8.17
C GLY A 740 11.71 -6.17 9.39
N LEU A 741 13.03 -6.05 9.24
CA LEU A 741 13.84 -5.60 10.36
C LEU A 741 13.43 -4.21 10.82
N VAL A 742 13.21 -3.30 9.87
CA VAL A 742 12.74 -1.97 10.23
C VAL A 742 11.34 -2.02 10.81
N ALA A 743 10.46 -2.81 10.19
CA ALA A 743 9.09 -2.92 10.66
C ALA A 743 9.03 -3.45 12.08
N ALA A 744 9.99 -4.27 12.48
CA ALA A 744 10.00 -4.77 13.85
C ALA A 744 10.09 -3.62 14.84
N ILE A 745 11.05 -2.72 14.62
CA ILE A 745 11.20 -1.58 15.51
C ILE A 745 9.96 -0.70 15.46
N GLY A 746 9.45 -0.44 14.26
CA GLY A 746 8.28 0.42 14.16
C GLY A 746 7.09 -0.13 14.90
N ALA A 747 6.81 -1.43 14.70
CA ALA A 747 5.69 -2.07 15.35
C ALA A 747 5.88 -2.12 16.85
N GLU A 748 7.11 -2.37 17.31
CA GLU A 748 7.35 -2.38 18.75
C GLU A 748 7.02 -1.03 19.36
N THR A 749 7.47 0.05 18.72
CA THR A 749 7.20 1.37 19.27
C THR A 749 5.71 1.67 19.31
N ALA A 750 5.04 1.46 18.17
CA ALA A 750 3.61 1.76 18.12
C ALA A 750 2.84 0.92 19.12
N LEU A 751 3.19 -0.36 19.22
CA LEU A 751 2.51 -1.25 20.15
C LEU A 751 2.72 -0.81 21.59
N ALA A 752 3.95 -0.42 21.92
CA ALA A 752 4.22 0.02 23.29
C ALA A 752 3.37 1.24 23.63
N VAL A 753 3.32 2.22 22.73
CA VAL A 753 2.51 3.41 23.01
C VAL A 753 1.04 3.04 23.13
N LEU A 754 0.55 2.20 22.21
CA LEU A 754 -0.86 1.84 22.21
C LEU A 754 -1.24 1.11 23.50
N GLN A 755 -0.42 0.16 23.91
CA GLN A 755 -0.70 -0.56 25.15
C GLN A 755 -0.64 0.36 26.36
N ALA A 756 0.34 1.27 26.38
CA ALA A 756 0.46 2.16 27.54
C ALA A 756 -0.62 3.21 27.57
N LYS A 757 -1.30 3.46 26.45
CA LYS A 757 -2.27 4.55 26.41
C LYS A 757 -3.71 4.11 26.20
N VAL A 758 -3.95 3.01 25.49
CA VAL A 758 -5.30 2.61 25.09
C VAL A 758 -5.74 1.33 25.80
N PHE A 759 -5.00 0.24 25.62
CA PHE A 759 -5.42 -1.06 26.11
C PHE A 759 -4.86 -1.39 27.49
N ASP A 760 -4.13 -0.46 28.10
CA ASP A 760 -3.61 -0.59 29.47
C ASP A 760 -3.08 -1.99 29.76
N PHE A 761 -2.20 -2.46 28.89
CA PHE A 761 -1.53 -3.72 29.11
C PHE A 761 -0.03 -3.50 29.26
N PRO A 762 0.65 -4.27 30.11
CA PRO A 762 2.10 -4.12 30.24
C PRO A 762 2.79 -4.45 28.92
N TRP A 763 3.88 -3.73 28.65
CA TRP A 763 4.64 -3.90 27.42
C TRP A 763 5.97 -4.57 27.73
N GLU A 764 6.30 -5.62 26.98
CA GLU A 764 7.55 -6.34 27.14
C GLU A 764 8.22 -6.46 25.79
N PRO A 765 9.48 -6.06 25.65
CA PRO A 765 10.16 -6.20 24.36
C PRO A 765 10.33 -7.66 23.96
N ASP A 766 9.62 -8.08 22.93
CA ASP A 766 9.59 -9.48 22.52
C ASP A 766 10.59 -9.69 21.39
N TRP A 767 11.75 -10.23 21.72
CA TRP A 767 12.74 -10.56 20.71
C TRP A 767 12.23 -11.61 19.73
N ARG A 768 11.23 -12.40 20.12
CA ARG A 768 10.64 -13.35 19.19
C ARG A 768 10.08 -12.63 17.97
N LEU A 769 9.45 -11.48 18.19
CA LEU A 769 9.03 -10.66 17.06
C LEU A 769 10.22 -10.22 16.22
N TRP A 770 11.31 -9.80 16.89
CA TRP A 770 12.50 -9.37 16.17
C TRP A 770 13.05 -10.46 15.28
N ILE A 771 12.91 -11.72 15.68
CA ILE A 771 13.45 -12.80 14.87
C ILE A 771 12.42 -13.38 13.90
N VAL A 772 11.13 -13.10 14.10
CA VAL A 772 10.10 -13.65 13.25
C VAL A 772 9.77 -12.72 12.09
N LEU A 773 9.59 -11.44 12.37
CA LEU A 773 9.12 -10.53 11.33
C LEU A 773 10.08 -10.44 10.14
N PRO A 774 11.38 -10.22 10.30
CA PRO A 774 12.24 -10.09 9.12
C PRO A 774 12.30 -11.35 8.27
N CYS A 775 12.49 -12.51 8.90
CA CYS A 775 12.60 -13.74 8.13
C CYS A 775 11.30 -14.03 7.39
N SER A 776 10.17 -13.89 8.07
CA SER A 776 8.89 -14.14 7.41
C SER A 776 8.66 -13.17 6.26
N GLY A 777 8.97 -11.90 6.47
CA GLY A 777 8.78 -10.94 5.40
C GLY A 777 9.66 -11.23 4.20
N ALA A 778 10.92 -11.56 4.45
CA ALA A 778 11.82 -11.91 3.35
C ALA A 778 11.30 -13.12 2.59
N LEU A 779 10.84 -14.14 3.32
CA LEU A 779 10.32 -15.33 2.65
C LEU A 779 9.10 -14.99 1.81
N LEU A 780 8.19 -14.19 2.34
CA LEU A 780 6.98 -13.85 1.59
C LEU A 780 7.32 -13.10 0.32
N LEU A 781 8.17 -12.08 0.44
CA LEU A 781 8.53 -11.31 -0.74
C LEU A 781 9.26 -12.16 -1.75
N SER A 782 10.15 -13.04 -1.30
CA SER A 782 10.87 -13.89 -2.23
C SER A 782 9.92 -14.83 -2.96
N LEU A 783 8.96 -15.40 -2.24
CA LEU A 783 7.99 -16.27 -2.89
C LEU A 783 7.22 -15.53 -3.97
N PHE A 784 6.71 -14.35 -3.63
CA PHE A 784 5.91 -13.59 -4.59
C PHE A 784 6.76 -13.23 -5.81
N GLY A 785 7.98 -12.75 -5.57
CA GLY A 785 8.82 -12.35 -6.67
C GLY A 785 9.18 -13.51 -7.57
N GLY A 786 9.52 -14.66 -6.98
CA GLY A 786 9.83 -15.81 -7.79
C GLY A 786 8.67 -16.25 -8.64
N TRP A 787 7.47 -16.31 -8.05
CA TRP A 787 6.31 -16.73 -8.83
C TRP A 787 6.05 -15.78 -9.97
N LEU A 788 6.05 -14.47 -9.69
CA LEU A 788 5.71 -13.52 -10.74
C LEU A 788 6.79 -13.48 -11.83
N GLY A 789 8.05 -13.59 -11.46
CA GLY A 789 9.11 -13.64 -12.45
C GLY A 789 9.02 -14.88 -13.33
N ALA A 790 8.73 -16.02 -12.72
CA ALA A 790 8.55 -17.24 -13.51
C ALA A 790 7.37 -17.09 -14.46
N ARG A 791 6.29 -16.47 -14.00
CA ARG A 791 5.16 -16.23 -14.88
C ARG A 791 5.55 -15.32 -16.03
N LEU A 792 6.33 -14.29 -15.76
CA LEU A 792 6.66 -13.32 -16.80
C LEU A 792 7.61 -13.89 -17.84
N VAL A 793 8.65 -14.62 -17.40
CA VAL A 793 9.68 -15.06 -18.33
C VAL A 793 9.12 -16.05 -19.33
N LYS A 794 8.09 -16.80 -18.96
CA LYS A 794 7.47 -17.72 -19.90
C LYS A 794 6.87 -16.94 -21.07
N GLY A 795 6.93 -17.54 -22.25
CA GLY A 795 6.43 -16.93 -23.45
C GLY A 795 7.46 -16.97 -24.55
N LYS A 796 7.11 -16.38 -25.68
CA LYS A 796 7.97 -16.37 -26.86
C LYS A 796 8.03 -14.97 -27.44
N ALA A 797 9.13 -14.70 -28.14
CA ALA A 797 9.36 -13.39 -28.75
C ALA A 797 9.31 -12.28 -27.71
N LEU A 798 9.94 -12.52 -26.56
CA LEU A 798 9.94 -11.54 -25.50
C LEU A 798 10.60 -10.24 -25.94
N PHE A 799 11.54 -10.31 -26.89
CA PHE A 799 12.22 -9.11 -27.35
C PHE A 799 11.23 -8.12 -27.95
N ARG A 800 10.14 -8.62 -28.51
CA ARG A 800 9.14 -7.72 -29.07
C ARG A 800 8.36 -6.98 -28.00
N GLN A 801 8.27 -7.54 -26.80
CA GLN A 801 7.57 -6.87 -25.71
C GLN A 801 8.42 -5.85 -25.00
N PHE A 802 9.68 -5.69 -25.39
CA PHE A 802 10.55 -4.71 -24.76
C PHE A 802 10.01 -3.30 -24.96
N ALA A 803 9.49 -3.01 -26.15
CA ALA A 803 8.97 -1.68 -26.44
C ALA A 803 7.80 -1.31 -25.55
N GLY A 804 7.12 -2.29 -24.97
CA GLY A 804 6.01 -2.02 -24.08
C GLY A 804 6.42 -1.95 -22.62
N ALA B 17 8.23 37.81 -42.49
CA ALA B 17 9.59 37.53 -42.03
C ALA B 17 10.47 37.08 -43.19
N GLU B 18 11.40 37.95 -43.61
CA GLU B 18 12.31 37.58 -44.68
C GLU B 18 13.20 36.42 -44.26
N ASN B 19 13.83 36.52 -43.09
CA ASN B 19 14.66 35.45 -42.55
C ASN B 19 13.85 34.71 -41.49
N ILE B 20 13.52 33.46 -41.77
CA ILE B 20 12.69 32.69 -40.86
C ILE B 20 13.45 32.35 -39.59
N VAL B 21 14.69 31.92 -39.72
CA VAL B 21 15.49 31.46 -38.61
C VAL B 21 16.72 32.33 -38.48
N GLU B 22 16.94 32.88 -37.29
CA GLU B 22 18.08 33.74 -37.01
C GLU B 22 18.76 33.27 -35.74
N VAL B 23 20.05 32.98 -35.83
CA VAL B 23 20.84 32.52 -34.70
C VAL B 23 22.02 33.46 -34.54
N HIS B 24 22.31 33.85 -33.30
CA HIS B 24 23.37 34.82 -33.05
C HIS B 24 24.18 34.38 -31.84
N HIS B 25 25.41 33.93 -32.09
CA HIS B 25 26.38 33.54 -31.07
C HIS B 25 25.71 32.75 -29.96
N LEU B 26 25.21 31.59 -30.33
CA LEU B 26 24.50 30.71 -29.42
C LEU B 26 25.45 29.62 -28.92
N LYS B 27 25.51 29.47 -27.60
CA LYS B 27 26.35 28.46 -26.97
C LYS B 27 25.50 27.59 -26.06
N LYS B 28 25.91 26.32 -25.94
CA LYS B 28 25.15 25.34 -25.18
C LYS B 28 26.11 24.29 -24.65
N SER B 29 26.03 24.03 -23.34
CA SER B 29 26.82 23.01 -22.69
C SER B 29 25.92 22.20 -21.77
N VAL B 30 26.35 20.97 -21.49
CA VAL B 30 25.57 20.05 -20.68
C VAL B 30 26.46 19.47 -19.59
N GLY B 31 25.83 18.95 -18.55
CA GLY B 31 26.53 18.36 -17.44
C GLY B 31 26.91 19.39 -16.38
N GLN B 32 27.18 18.88 -15.17
CA GLN B 32 27.46 19.73 -14.03
C GLN B 32 28.77 19.29 -13.37
N GLY B 33 29.44 20.24 -12.74
CA GLY B 33 30.70 19.95 -12.08
C GLY B 33 31.72 19.43 -13.05
N GLU B 34 32.43 18.39 -12.63
CA GLU B 34 33.40 17.75 -13.53
C GLU B 34 32.72 17.13 -14.74
N HIS B 35 31.47 16.74 -14.59
CA HIS B 35 30.72 16.12 -15.68
C HIS B 35 30.23 17.13 -16.71
N GLU B 36 30.63 18.38 -16.61
CA GLU B 36 30.23 19.38 -17.58
C GLU B 36 30.75 19.02 -18.96
N LEU B 37 30.03 19.47 -19.99
CA LEU B 37 30.41 19.16 -21.36
C LEU B 37 29.82 20.21 -22.28
N SER B 38 30.68 20.88 -23.03
CA SER B 38 30.25 21.90 -23.97
C SER B 38 29.97 21.27 -25.32
N ILE B 39 28.96 21.80 -26.01
CA ILE B 39 28.58 21.28 -27.32
C ILE B 39 28.65 22.39 -28.36
N LEU B 40 27.90 23.46 -28.13
CA LEU B 40 27.83 24.59 -29.05
C LEU B 40 28.61 25.75 -28.47
N THR B 41 29.44 26.38 -29.28
CA THR B 41 30.32 27.43 -28.79
C THR B 41 30.15 28.72 -29.59
N GLY B 42 28.91 29.17 -29.73
CA GLY B 42 28.66 30.40 -30.46
C GLY B 42 28.37 30.13 -31.91
N VAL B 43 27.11 30.25 -32.31
CA VAL B 43 26.68 29.96 -33.66
C VAL B 43 25.97 31.17 -34.23
N GLU B 44 26.34 31.57 -35.44
CA GLU B 44 25.66 32.61 -36.18
C GLU B 44 25.05 31.99 -37.42
N LEU B 45 23.74 32.15 -37.59
CA LEU B 45 23.04 31.57 -38.72
C LEU B 45 21.82 32.39 -39.06
N VAL B 46 21.64 32.67 -40.35
CA VAL B 46 20.46 33.37 -40.85
C VAL B 46 19.90 32.53 -41.99
N VAL B 47 18.61 32.25 -41.94
CA VAL B 47 17.97 31.33 -42.89
C VAL B 47 16.89 32.11 -43.63
N LYS B 48 17.19 32.51 -44.86
CA LYS B 48 16.21 33.22 -45.67
C LYS B 48 15.03 32.31 -45.99
N ARG B 49 13.87 32.92 -46.18
CA ARG B 49 12.65 32.16 -46.42
C ARG B 49 12.74 31.37 -47.72
N GLY B 50 12.24 30.14 -47.69
CA GLY B 50 12.20 29.31 -48.87
C GLY B 50 13.48 28.59 -49.21
N GLU B 51 14.54 28.78 -48.43
CA GLU B 51 15.80 28.15 -48.74
C GLU B 51 15.81 26.70 -48.25
N THR B 52 16.78 25.94 -48.75
CA THR B 52 16.97 24.55 -48.36
C THR B 52 18.41 24.37 -47.90
N ILE B 53 18.58 24.05 -46.63
CA ILE B 53 19.91 23.91 -46.04
C ILE B 53 20.03 22.55 -45.39
N ALA B 54 21.18 21.91 -45.60
CA ALA B 54 21.45 20.60 -45.04
C ALA B 54 22.67 20.69 -44.13
N LEU B 55 22.52 20.18 -42.91
CA LEU B 55 23.58 20.20 -41.92
C LEU B 55 24.29 18.85 -41.93
N VAL B 56 25.61 18.88 -41.92
CA VAL B 56 26.41 17.66 -41.90
C VAL B 56 27.43 17.78 -40.78
N GLY B 57 27.95 16.63 -40.38
CA GLY B 57 28.95 16.58 -39.34
C GLY B 57 29.12 15.18 -38.82
N GLU B 58 30.18 14.99 -38.04
CA GLU B 58 30.46 13.70 -37.47
C GLU B 58 29.48 13.39 -36.34
N SER B 59 29.45 12.13 -35.94
CA SER B 59 28.60 11.72 -34.84
C SER B 59 29.04 12.41 -33.56
N GLY B 60 28.06 12.79 -32.73
CA GLY B 60 28.40 13.46 -31.50
C GLY B 60 28.86 14.89 -31.68
N SER B 61 28.52 15.52 -32.80
CA SER B 61 28.85 16.91 -33.02
C SER B 61 27.73 17.85 -32.60
N GLY B 62 26.60 17.33 -32.15
CA GLY B 62 25.53 18.15 -31.65
C GLY B 62 24.49 18.59 -32.66
N LYS B 63 24.43 17.95 -33.83
CA LYS B 63 23.49 18.36 -34.84
C LYS B 63 22.05 18.26 -34.33
N SER B 64 21.70 17.13 -33.72
CA SER B 64 20.36 16.98 -33.17
C SER B 64 20.09 18.03 -32.11
N THR B 65 21.10 18.35 -31.30
CA THR B 65 20.92 19.36 -30.27
C THR B 65 20.63 20.73 -30.88
N LEU B 66 21.40 21.11 -31.90
CA LEU B 66 21.14 22.39 -32.54
C LEU B 66 19.76 22.43 -33.16
N LEU B 67 19.38 21.33 -33.84
CA LEU B 67 18.06 21.30 -34.47
C LEU B 67 16.97 21.42 -33.43
N ALA B 68 17.12 20.75 -32.29
CA ALA B 68 16.13 20.87 -31.23
C ALA B 68 16.08 22.29 -30.69
N ILE B 69 17.24 22.94 -30.60
CA ILE B 69 17.27 24.32 -30.13
C ILE B 69 16.49 25.22 -31.06
N LEU B 70 16.69 25.06 -32.37
CA LEU B 70 16.10 25.98 -33.33
C LEU B 70 14.58 25.93 -33.30
N ALA B 71 13.99 24.79 -32.97
CA ALA B 71 12.55 24.69 -32.89
C ALA B 71 12.00 25.12 -31.55
N GLY B 72 12.85 25.57 -30.63
CA GLY B 72 12.40 25.98 -29.32
C GLY B 72 12.18 24.84 -28.35
N LEU B 73 12.49 23.61 -28.73
CA LEU B 73 12.31 22.48 -27.83
C LEU B 73 13.33 22.47 -26.70
N ASP B 74 14.33 23.33 -26.77
CA ASP B 74 15.33 23.44 -25.70
C ASP B 74 15.89 24.85 -25.72
N ASP B 75 16.58 25.20 -24.64
CA ASP B 75 17.16 26.53 -24.48
C ASP B 75 18.65 26.40 -24.23
N GLY B 76 19.44 27.16 -24.98
CA GLY B 76 20.88 27.14 -24.83
C GLY B 76 21.34 27.99 -23.66
N SER B 77 22.63 27.92 -23.39
CA SER B 77 23.20 28.69 -22.29
C SER B 77 23.04 30.19 -22.53
N SER B 78 23.37 30.64 -23.73
CA SER B 78 23.18 32.04 -24.10
C SER B 78 23.19 32.15 -25.62
N GLY B 79 22.66 33.24 -26.11
CA GLY B 79 22.56 33.49 -27.52
C GLY B 79 21.21 34.08 -27.85
N GLU B 80 20.96 34.25 -29.14
CA GLU B 80 19.70 34.81 -29.61
C GLU B 80 19.13 33.96 -30.72
N VAL B 81 17.89 33.52 -30.54
CA VAL B 81 17.17 32.75 -31.54
C VAL B 81 15.90 33.51 -31.88
N SER B 82 15.69 33.76 -33.17
CA SER B 82 14.62 34.62 -33.63
C SER B 82 13.74 33.90 -34.63
N LEU B 83 13.28 32.71 -34.26
CA LEU B 83 12.44 31.91 -35.15
C LEU B 83 11.19 32.68 -35.55
N VAL B 84 11.03 32.87 -36.86
CA VAL B 84 9.93 33.64 -37.44
C VAL B 84 9.86 35.01 -36.80
N GLY B 85 11.03 35.57 -36.48
CA GLY B 85 11.09 36.90 -35.90
C GLY B 85 10.46 37.01 -34.52
N GLN B 86 10.78 36.07 -33.62
CA GLN B 86 10.29 36.17 -32.27
C GLN B 86 11.41 35.89 -31.28
N PRO B 87 11.46 36.62 -30.19
CA PRO B 87 12.49 36.38 -29.17
C PRO B 87 12.17 35.12 -28.36
N LEU B 88 12.57 33.97 -28.89
CA LEU B 88 12.21 32.70 -28.28
C LEU B 88 12.61 32.65 -26.81
N HIS B 89 13.80 33.17 -26.48
CA HIS B 89 14.24 33.17 -25.10
C HIS B 89 13.32 33.99 -24.21
N ASN B 90 12.86 35.12 -24.71
CA ASN B 90 11.91 35.95 -23.96
C ASN B 90 10.48 35.52 -24.23
N MET B 91 10.21 34.22 -24.12
CA MET B 91 8.90 33.68 -24.47
C MET B 91 8.65 32.43 -23.65
N ASP B 92 7.49 32.39 -23.00
CA ASP B 92 7.19 31.29 -22.09
C ASP B 92 6.96 30.01 -22.88
N GLU B 93 6.65 28.93 -22.16
CA GLU B 93 6.45 27.64 -22.81
C GLU B 93 5.17 27.63 -23.64
N GLU B 94 4.09 28.23 -23.12
CA GLU B 94 2.81 28.15 -23.81
C GLU B 94 2.87 28.81 -25.17
N ALA B 95 3.46 30.01 -25.24
CA ALA B 95 3.55 30.70 -26.52
C ALA B 95 4.44 29.91 -27.48
N ARG B 96 5.48 29.26 -26.96
CA ARG B 96 6.31 28.41 -27.80
C ARG B 96 5.50 27.28 -28.40
N ALA B 97 4.67 26.63 -27.58
CA ALA B 97 3.84 25.54 -28.09
C ALA B 97 2.87 26.06 -29.14
N LYS B 98 2.28 27.23 -28.90
CA LYS B 98 1.35 27.79 -29.86
C LYS B 98 2.05 28.08 -31.19
N LEU B 99 3.23 28.69 -31.14
CA LEU B 99 3.97 28.99 -32.35
C LEU B 99 4.35 27.72 -33.11
N ARG B 100 4.81 26.71 -32.38
CA ARG B 100 5.15 25.44 -33.02
C ARG B 100 3.94 24.83 -33.70
N ALA B 101 2.78 24.90 -33.05
CA ALA B 101 1.57 24.37 -33.68
C ALA B 101 1.24 25.14 -34.94
N LYS B 102 1.38 26.47 -34.91
CA LYS B 102 0.98 27.26 -36.08
C LYS B 102 1.90 27.03 -37.26
N HIS B 103 3.21 27.02 -37.04
CA HIS B 103 4.13 27.17 -38.16
C HIS B 103 5.22 26.13 -38.29
N VAL B 104 5.42 25.26 -37.31
CA VAL B 104 6.62 24.43 -37.26
C VAL B 104 6.23 22.96 -37.32
N GLY B 105 6.88 22.21 -38.19
CA GLY B 105 6.78 20.77 -38.20
C GLY B 105 8.14 20.17 -37.87
N PHE B 106 8.14 19.14 -37.03
CA PHE B 106 9.36 18.57 -36.52
C PHE B 106 9.42 17.08 -36.77
N VAL B 107 10.64 16.56 -36.90
CA VAL B 107 10.90 15.13 -37.07
C VAL B 107 11.97 14.72 -36.09
N PHE B 108 11.74 13.65 -35.36
CA PHE B 108 12.70 13.18 -34.38
C PHE B 108 13.73 12.27 -35.05
N GLN B 109 14.67 11.78 -34.25
CA GLN B 109 15.64 10.80 -34.73
C GLN B 109 15.23 9.37 -34.41
N SER B 110 14.46 9.17 -33.35
CA SER B 110 13.94 7.86 -32.98
C SER B 110 12.47 7.68 -33.36
N PHE B 111 11.91 8.63 -34.12
CA PHE B 111 10.55 8.64 -34.63
C PHE B 111 9.52 8.89 -33.55
N MET B 112 9.92 8.78 -32.28
CA MET B 112 9.11 9.17 -31.13
C MET B 112 7.62 8.95 -31.31
N LEU B 113 7.22 7.79 -31.81
CA LEU B 113 5.82 7.56 -32.09
C LEU B 113 5.08 7.11 -30.83
N ILE B 114 3.81 7.50 -30.75
CA ILE B 114 2.97 7.03 -29.65
C ILE B 114 2.62 5.58 -29.93
N PRO B 115 2.99 4.64 -29.05
CA PRO B 115 2.88 3.23 -29.38
C PRO B 115 1.48 2.67 -29.26
N THR B 116 0.49 3.46 -28.88
CA THR B 116 -0.88 2.99 -28.72
C THR B 116 -1.83 3.62 -29.73
N LEU B 117 -1.29 4.20 -30.80
CA LEU B 117 -2.12 4.78 -31.85
C LEU B 117 -1.67 4.22 -33.19
N ASN B 118 -2.62 3.74 -33.99
CA ASN B 118 -2.28 3.21 -35.29
C ASN B 118 -1.75 4.33 -36.19
N ALA B 119 -1.32 3.95 -37.39
CA ALA B 119 -0.66 4.91 -38.26
C ALA B 119 -1.59 6.07 -38.62
N LEU B 120 -2.84 5.76 -38.96
CA LEU B 120 -3.74 6.81 -39.40
C LEU B 120 -3.99 7.84 -38.30
N GLU B 121 -4.32 7.36 -37.10
CA GLU B 121 -4.55 8.28 -35.99
C GLU B 121 -3.27 9.01 -35.63
N ASN B 122 -2.13 8.32 -35.71
CA ASN B 122 -0.86 8.96 -35.40
C ASN B 122 -0.60 10.14 -36.31
N VAL B 123 -0.89 9.99 -37.60
CA VAL B 123 -0.74 11.12 -38.52
C VAL B 123 -1.80 12.17 -38.23
N GLU B 124 -3.01 11.74 -37.89
CA GLU B 124 -4.10 12.68 -37.69
C GLU B 124 -3.90 13.57 -36.47
N LEU B 125 -3.11 13.11 -35.50
CA LEU B 125 -3.04 13.78 -34.20
C LEU B 125 -2.77 15.28 -34.25
N PRO B 126 -1.83 15.80 -35.04
CA PRO B 126 -1.63 17.26 -35.05
C PRO B 126 -2.87 18.04 -35.42
N ALA B 127 -3.66 17.54 -36.37
CA ALA B 127 -4.88 18.24 -36.75
C ALA B 127 -5.85 18.29 -35.59
N LEU B 128 -6.00 17.19 -34.85
CA LEU B 128 -6.87 17.20 -33.69
C LEU B 128 -6.37 18.18 -32.64
N LEU B 129 -5.04 18.26 -32.47
CA LEU B 129 -4.50 19.22 -31.53
C LEU B 129 -4.81 20.65 -31.97
N ARG B 130 -4.79 20.90 -33.27
CA ARG B 130 -5.18 22.21 -33.80
C ARG B 130 -6.68 22.39 -33.88
N GLY B 131 -7.46 21.35 -33.55
CA GLY B 131 -8.90 21.49 -33.56
C GLY B 131 -9.55 21.34 -34.92
N GLU B 132 -8.93 20.63 -35.85
CA GLU B 132 -9.50 20.48 -37.17
C GLU B 132 -10.57 19.40 -37.19
N SER B 133 -11.33 19.38 -38.28
CA SER B 133 -12.41 18.42 -38.42
C SER B 133 -11.88 17.01 -38.55
N SER B 134 -12.71 16.04 -38.12
CA SER B 134 -12.29 14.65 -38.20
C SER B 134 -12.27 14.16 -39.64
N ALA B 135 -13.33 14.45 -40.41
CA ALA B 135 -13.47 13.86 -41.73
C ALA B 135 -12.43 14.42 -42.70
N GLU B 136 -12.28 15.74 -42.75
CA GLU B 136 -11.38 16.33 -43.74
C GLU B 136 -9.94 15.99 -43.41
N SER B 137 -9.55 16.14 -42.15
CA SER B 137 -8.20 15.74 -41.75
C SER B 137 -7.99 14.26 -42.01
N ARG B 138 -9.03 13.44 -41.83
CA ARG B 138 -8.88 12.01 -42.04
C ARG B 138 -8.56 11.70 -43.50
N ASN B 139 -9.32 12.29 -44.43
CA ASN B 139 -9.03 12.01 -45.83
C ASN B 139 -7.70 12.61 -46.25
N GLY B 140 -7.32 13.76 -45.70
CA GLY B 140 -6.00 14.31 -46.00
C GLY B 140 -4.88 13.40 -45.53
N ALA B 141 -5.01 12.88 -44.31
CA ALA B 141 -4.01 11.96 -43.80
C ALA B 141 -3.96 10.68 -44.63
N LYS B 142 -5.12 10.19 -45.08
CA LYS B 142 -5.13 9.02 -45.93
C LYS B 142 -4.38 9.29 -47.23
N ALA B 143 -4.62 10.45 -47.84
CA ALA B 143 -3.89 10.79 -49.07
C ALA B 143 -2.40 10.87 -48.81
N LEU B 144 -2.01 11.49 -47.70
CA LEU B 144 -0.59 11.60 -47.40
C LEU B 144 0.04 10.24 -47.20
N LEU B 145 -0.64 9.34 -46.49
CA LEU B 145 -0.06 8.05 -46.19
C LEU B 145 0.05 7.19 -47.43
N GLU B 146 -0.99 7.17 -48.27
CA GLU B 146 -0.86 6.42 -49.51
C GLU B 146 0.18 7.05 -50.42
N GLN B 147 0.41 8.36 -50.27
CA GLN B 147 1.47 9.00 -51.04
C GLN B 147 2.84 8.42 -50.72
N LEU B 148 3.01 7.92 -49.50
CA LEU B 148 4.26 7.33 -49.06
C LEU B 148 4.31 5.83 -49.28
N GLY B 149 3.29 5.24 -49.90
CA GLY B 149 3.25 3.81 -50.10
C GLY B 149 3.08 3.00 -48.84
N LEU B 150 2.27 3.48 -47.91
CA LEU B 150 1.93 2.74 -46.70
C LEU B 150 0.44 2.42 -46.67
N GLY B 151 -0.19 2.31 -47.83
CA GLY B 151 -1.63 2.18 -47.89
C GLY B 151 -2.16 0.87 -47.33
N LYS B 152 -1.30 -0.12 -47.15
CA LYS B 152 -1.72 -1.43 -46.68
C LYS B 152 -1.49 -1.63 -45.19
N ARG B 153 -1.04 -0.60 -44.48
CA ARG B 153 -0.76 -0.69 -43.06
C ARG B 153 -1.45 0.42 -42.31
N LEU B 154 -2.64 0.82 -42.77
CA LEU B 154 -3.29 1.98 -42.20
C LEU B 154 -3.64 1.78 -40.73
N ASP B 155 -4.14 0.60 -40.38
CA ASP B 155 -4.57 0.33 -39.02
C ASP B 155 -3.49 -0.33 -38.17
N HIS B 156 -2.30 -0.57 -38.72
CA HIS B 156 -1.26 -1.24 -37.97
C HIS B 156 -0.79 -0.37 -36.81
N LEU B 157 -0.45 -1.01 -35.71
CA LEU B 157 0.16 -0.32 -34.59
C LEU B 157 1.65 -0.12 -34.86
N PRO B 158 2.29 0.82 -34.15
CA PRO B 158 3.72 1.02 -34.36
C PRO B 158 4.54 -0.22 -34.12
N ALA B 159 4.13 -1.08 -33.18
CA ALA B 159 4.85 -2.33 -32.97
C ALA B 159 4.70 -3.29 -34.14
N GLN B 160 3.77 -3.03 -35.05
CA GLN B 160 3.56 -3.89 -36.21
C GLN B 160 4.34 -3.45 -37.44
N LEU B 161 5.12 -2.38 -37.33
CA LEU B 161 5.81 -1.82 -38.48
C LEU B 161 7.31 -2.03 -38.35
N SER B 162 8.03 -1.72 -39.42
CA SER B 162 9.47 -1.81 -39.45
C SER B 162 10.07 -0.41 -39.38
N GLY B 163 11.39 -0.33 -39.46
CA GLY B 163 12.04 0.96 -39.37
C GLY B 163 11.63 1.90 -40.48
N GLY B 164 11.62 1.41 -41.71
CA GLY B 164 11.23 2.26 -42.82
C GLY B 164 9.80 2.76 -42.69
N GLU B 165 8.89 1.87 -42.30
CA GLU B 165 7.50 2.27 -42.15
C GLU B 165 7.34 3.30 -41.04
N GLN B 166 8.03 3.10 -39.92
CA GLN B 166 7.94 4.06 -38.83
C GLN B 166 8.49 5.42 -39.25
N GLN B 167 9.61 5.42 -39.96
CA GLN B 167 10.17 6.70 -40.42
C GLN B 167 9.21 7.39 -41.37
N ARG B 168 8.60 6.64 -42.27
CA ARG B 168 7.65 7.25 -43.18
C ARG B 168 6.44 7.79 -42.43
N VAL B 169 6.03 7.10 -41.36
CA VAL B 169 4.92 7.61 -40.56
C VAL B 169 5.28 8.92 -39.92
N ALA B 170 6.50 9.02 -39.36
CA ALA B 170 6.92 10.28 -38.76
C ALA B 170 6.96 11.39 -39.80
N LEU B 171 7.45 11.07 -40.99
CA LEU B 171 7.48 12.08 -42.06
C LEU B 171 6.07 12.53 -42.43
N ALA B 172 5.13 11.60 -42.51
CA ALA B 172 3.76 11.98 -42.83
C ALA B 172 3.19 12.87 -41.74
N ARG B 173 3.48 12.55 -40.48
CA ARG B 173 3.01 13.39 -39.38
C ARG B 173 3.57 14.79 -39.51
N ALA B 174 4.83 14.91 -39.91
CA ALA B 174 5.41 16.23 -40.13
C ALA B 174 4.70 16.95 -41.29
N PHE B 175 4.47 16.25 -42.39
CA PHE B 175 3.88 16.89 -43.56
C PHE B 175 2.43 17.29 -43.36
N ASN B 176 1.74 16.65 -42.42
CA ASN B 176 0.29 16.85 -42.31
C ASN B 176 -0.06 18.32 -42.11
N GLY B 177 0.65 19.02 -41.24
CA GLY B 177 0.28 20.39 -40.93
C GLY B 177 0.61 21.39 -42.02
N ARG B 178 1.37 21.00 -43.03
CA ARG B 178 1.82 21.90 -44.08
C ARG B 178 2.46 23.16 -43.49
N PRO B 179 3.52 23.02 -42.71
CA PRO B 179 4.06 24.16 -41.98
C PRO B 179 4.95 25.03 -42.86
N ASP B 180 5.15 26.26 -42.40
CA ASP B 180 6.04 27.18 -43.11
C ASP B 180 7.47 26.66 -43.09
N VAL B 181 7.92 26.15 -41.95
CA VAL B 181 9.27 25.66 -41.78
C VAL B 181 9.21 24.25 -41.26
N LEU B 182 10.01 23.37 -41.85
CA LEU B 182 10.01 21.95 -41.52
C LEU B 182 11.42 21.52 -41.13
N PHE B 183 11.55 20.93 -39.96
CA PHE B 183 12.82 20.40 -39.48
C PHE B 183 12.82 18.89 -39.66
N ALA B 184 13.91 18.36 -40.20
CA ALA B 184 14.03 16.93 -40.43
C ALA B 184 15.37 16.44 -39.90
N ASP B 185 15.34 15.35 -39.16
CA ASP B 185 16.56 14.71 -38.66
C ASP B 185 16.68 13.34 -39.33
N GLU B 186 17.64 13.22 -40.24
CA GLU B 186 17.86 12.00 -41.01
C GLU B 186 16.56 11.53 -41.64
N PRO B 187 16.01 12.28 -42.59
CA PRO B 187 14.75 11.84 -43.21
C PRO B 187 14.88 10.50 -43.92
N THR B 188 16.04 10.19 -44.50
CA THR B 188 16.22 8.95 -45.25
C THR B 188 17.28 8.05 -44.60
N GLY B 189 17.33 8.04 -43.27
CA GLY B 189 18.34 7.24 -42.61
C GLY B 189 18.15 5.74 -42.79
N ASN B 190 16.92 5.27 -42.63
CA ASN B 190 16.63 3.84 -42.63
C ASN B 190 15.86 3.42 -43.87
N LEU B 191 16.19 3.99 -45.01
CA LEU B 191 15.48 3.68 -46.25
C LEU B 191 16.48 3.28 -47.32
N ASP B 192 16.03 2.47 -48.26
CA ASP B 192 16.85 2.07 -49.37
C ASP B 192 17.02 3.23 -50.33
N ARG B 193 17.71 2.97 -51.44
CA ARG B 193 18.03 4.05 -52.38
C ARG B 193 16.78 4.61 -53.04
N GLN B 194 15.94 3.73 -53.60
CA GLN B 194 14.79 4.21 -54.36
C GLN B 194 13.79 4.92 -53.46
N THR B 195 13.51 4.35 -52.29
CA THR B 195 12.56 4.98 -51.38
C THR B 195 13.09 6.31 -50.87
N GLY B 196 14.39 6.38 -50.59
CA GLY B 196 14.98 7.64 -50.19
C GLY B 196 14.86 8.69 -51.27
N ASP B 197 15.11 8.30 -52.52
CA ASP B 197 14.96 9.25 -53.62
C ASP B 197 13.52 9.72 -53.74
N LYS B 198 12.56 8.81 -53.58
CA LYS B 198 11.15 9.21 -53.64
C LYS B 198 10.81 10.18 -52.53
N ILE B 199 11.30 9.93 -51.32
CA ILE B 199 11.04 10.82 -50.21
C ILE B 199 11.66 12.19 -50.46
N ALA B 200 12.88 12.22 -50.97
CA ALA B 200 13.52 13.49 -51.29
C ALA B 200 12.72 14.25 -52.33
N ASP B 201 12.22 13.55 -53.35
CA ASP B 201 11.40 14.19 -54.35
C ASP B 201 10.17 14.80 -53.73
N LEU B 202 9.51 14.07 -52.82
CA LEU B 202 8.33 14.62 -52.17
C LEU B 202 8.66 15.87 -51.37
N LEU B 203 9.76 15.84 -50.63
CA LEU B 203 10.14 16.99 -49.83
C LEU B 203 10.41 18.21 -50.70
N PHE B 204 11.18 18.01 -51.77
CA PHE B 204 11.53 19.13 -52.63
C PHE B 204 10.31 19.66 -53.38
N SER B 205 9.40 18.77 -53.78
CA SER B 205 8.17 19.22 -54.40
C SER B 205 7.35 20.04 -53.43
N LEU B 206 7.28 19.60 -52.17
CA LEU B 206 6.56 20.38 -51.17
C LEU B 206 7.14 21.77 -51.03
N ASN B 207 8.47 21.86 -50.94
CA ASN B 207 9.09 23.17 -50.83
C ASN B 207 8.82 24.02 -52.06
N ARG B 208 8.93 23.43 -53.24
CA ARG B 208 8.79 24.18 -54.48
C ARG B 208 7.36 24.70 -54.66
N GLU B 209 6.37 23.88 -54.35
CA GLU B 209 4.98 24.24 -54.57
C GLU B 209 4.32 24.86 -53.35
N HIS B 210 5.07 25.04 -52.26
CA HIS B 210 4.51 25.70 -51.09
C HIS B 210 5.46 26.71 -50.45
N GLY B 211 6.67 26.86 -50.99
CA GLY B 211 7.61 27.81 -50.41
C GLY B 211 7.93 27.52 -48.97
N THR B 212 8.01 26.25 -48.60
CA THR B 212 8.26 25.86 -47.23
C THR B 212 9.76 25.68 -47.02
N THR B 213 10.34 26.51 -46.16
CA THR B 213 11.73 26.34 -45.78
C THR B 213 11.87 25.03 -45.01
N LEU B 214 12.96 24.32 -45.27
CA LEU B 214 13.17 23.03 -44.63
C LEU B 214 14.64 22.85 -44.31
N ILE B 215 14.92 22.38 -43.11
CA ILE B 215 16.28 22.21 -42.61
C ILE B 215 16.45 20.73 -42.29
N MET B 216 17.33 20.06 -43.04
CA MET B 216 17.58 18.64 -42.86
C MET B 216 18.94 18.42 -42.24
N VAL B 217 19.03 17.39 -41.41
CA VAL B 217 20.29 16.89 -40.90
C VAL B 217 20.43 15.47 -41.41
N THR B 218 21.40 15.24 -42.28
CA THR B 218 21.51 13.93 -42.92
C THR B 218 22.96 13.63 -43.27
N HIS B 219 23.24 12.35 -43.45
CA HIS B 219 24.52 11.89 -43.95
C HIS B 219 24.49 11.54 -45.42
N ASP B 220 23.33 11.68 -46.07
CA ASP B 220 23.23 11.40 -47.49
C ASP B 220 23.90 12.52 -48.28
N LEU B 221 24.86 12.15 -49.12
CA LEU B 221 25.56 13.15 -49.91
C LEU B 221 24.66 13.73 -51.00
N GLN B 222 23.89 12.87 -51.67
CA GLN B 222 23.04 13.35 -52.76
C GLN B 222 21.95 14.28 -52.24
N LEU B 223 21.32 13.92 -51.12
CA LEU B 223 20.29 14.76 -50.55
C LEU B 223 20.85 16.12 -50.16
N ALA B 224 22.03 16.13 -49.54
CA ALA B 224 22.65 17.40 -49.19
C ALA B 224 22.98 18.22 -50.43
N ALA B 225 23.50 17.56 -51.46
CA ALA B 225 23.87 18.28 -52.67
C ALA B 225 22.66 18.92 -53.33
N ARG B 226 21.52 18.22 -53.30
CA ARG B 226 20.30 18.81 -53.86
C ARG B 226 19.86 20.04 -53.08
N CYS B 227 20.29 20.20 -51.84
CA CYS B 227 19.92 21.36 -51.05
C CYS B 227 20.67 22.60 -51.52
N ASP B 228 20.08 23.77 -51.24
CA ASP B 228 20.69 25.02 -51.67
C ASP B 228 22.02 25.26 -50.96
N ARG B 229 22.08 24.99 -49.66
CA ARG B 229 23.29 25.22 -48.90
C ARG B 229 23.62 24.00 -48.05
N CYS B 230 24.92 23.78 -47.85
CA CYS B 230 25.40 22.67 -47.03
C CYS B 230 26.34 23.25 -45.98
N LEU B 231 26.00 23.03 -44.71
CA LEU B 231 26.79 23.58 -43.61
C LEU B 231 27.35 22.44 -42.77
N ARG B 232 28.66 22.44 -42.57
CA ARG B 232 29.31 21.49 -41.71
C ARG B 232 29.42 22.07 -40.31
N LEU B 233 29.14 21.24 -39.32
CA LEU B 233 29.17 21.64 -37.92
C LEU B 233 30.41 21.05 -37.28
N VAL B 234 31.39 21.91 -37.01
CA VAL B 234 32.67 21.50 -36.44
C VAL B 234 32.94 22.34 -35.20
N ASN B 235 33.17 21.67 -34.07
CA ASN B 235 33.55 22.34 -32.82
C ASN B 235 32.53 23.41 -32.42
N GLY B 236 31.26 23.11 -32.60
CA GLY B 236 30.23 24.07 -32.28
C GLY B 236 30.24 25.30 -33.14
N GLN B 237 30.76 25.19 -34.37
CA GLN B 237 30.78 26.29 -35.31
C GLN B 237 30.28 25.82 -36.66
N LEU B 238 29.55 26.67 -37.36
CA LEU B 238 28.98 26.33 -38.65
C LEU B 238 29.82 26.93 -39.76
N GLN B 239 30.24 26.11 -40.71
CA GLN B 239 31.01 26.58 -41.84
C GLN B 239 30.40 26.03 -43.12
N GLU B 240 30.22 26.89 -44.12
CA GLU B 240 29.75 26.41 -45.41
C GLU B 240 30.74 25.41 -45.99
N GLU B 241 30.21 24.34 -46.58
CA GLU B 241 31.07 23.32 -47.18
C GLU B 241 30.81 23.11 -48.66
N ALA B 242 29.55 23.06 -49.08
CA ALA B 242 29.22 22.78 -50.48
C ALA B 242 27.90 23.44 -50.87
N ALA C 17 29.43 -27.85 -36.65
CA ALA C 17 29.49 -28.47 -37.97
C ALA C 17 29.77 -27.43 -39.04
N GLU C 18 30.11 -27.89 -40.24
CA GLU C 18 30.39 -26.96 -41.33
C GLU C 18 29.15 -26.16 -41.72
N ASN C 19 28.00 -26.82 -41.75
CA ASN C 19 26.74 -26.15 -42.07
C ASN C 19 26.28 -25.39 -40.84
N ILE C 20 26.65 -24.10 -40.78
CA ILE C 20 26.31 -23.30 -39.61
C ILE C 20 24.81 -23.07 -39.54
N VAL C 21 24.20 -22.64 -40.64
CA VAL C 21 22.77 -22.37 -40.70
C VAL C 21 22.18 -23.11 -41.88
N GLU C 22 21.11 -23.86 -41.63
CA GLU C 22 20.38 -24.59 -42.65
C GLU C 22 18.91 -24.24 -42.52
N VAL C 23 18.31 -23.76 -43.61
CA VAL C 23 16.92 -23.33 -43.62
C VAL C 23 16.24 -23.99 -44.82
N HIS C 24 15.19 -24.76 -44.55
CA HIS C 24 14.48 -25.50 -45.59
C HIS C 24 13.00 -25.19 -45.50
N HIS C 25 12.43 -24.70 -46.59
CA HIS C 25 10.99 -24.48 -46.71
C HIS C 25 10.47 -23.65 -45.54
N LEU C 26 11.23 -22.63 -45.16
CA LEU C 26 10.81 -21.77 -44.07
C LEU C 26 9.63 -20.91 -44.51
N LYS C 27 8.56 -20.92 -43.73
CA LYS C 27 7.40 -20.09 -44.02
C LYS C 27 6.94 -19.43 -42.73
N LYS C 28 6.59 -18.15 -42.83
CA LYS C 28 6.16 -17.39 -41.67
C LYS C 28 5.09 -16.40 -42.10
N SER C 29 4.00 -16.36 -41.35
CA SER C 29 2.94 -15.38 -41.53
C SER C 29 2.55 -14.82 -40.18
N VAL C 30 2.03 -13.60 -40.19
CA VAL C 30 1.66 -12.91 -38.96
C VAL C 30 0.23 -12.39 -39.10
N GLY C 31 -0.38 -12.10 -37.96
CA GLY C 31 -1.74 -11.62 -37.91
C GLY C 31 -2.74 -12.74 -37.70
N GLN C 32 -3.97 -12.34 -37.40
CA GLN C 32 -5.05 -13.27 -37.10
C GLN C 32 -6.27 -12.92 -37.92
N GLY C 33 -6.91 -13.95 -38.49
CA GLY C 33 -8.12 -13.73 -39.25
C GLY C 33 -7.87 -12.80 -40.42
N GLU C 34 -8.68 -11.75 -40.51
CA GLU C 34 -8.46 -10.74 -41.54
C GLU C 34 -7.11 -10.08 -41.39
N HIS C 35 -6.63 -9.93 -40.16
CA HIS C 35 -5.33 -9.32 -39.91
C HIS C 35 -4.17 -10.23 -40.29
N GLU C 36 -4.43 -11.49 -40.63
CA GLU C 36 -3.36 -12.39 -41.02
C GLU C 36 -2.63 -11.85 -42.25
N LEU C 37 -1.31 -11.94 -42.23
CA LEU C 37 -0.48 -11.48 -43.33
C LEU C 37 0.71 -12.42 -43.47
N SER C 38 1.02 -12.81 -44.71
CA SER C 38 2.11 -13.73 -44.96
C SER C 38 3.37 -12.94 -45.32
N ILE C 39 4.48 -13.29 -44.68
CA ILE C 39 5.76 -12.64 -44.89
C ILE C 39 6.74 -13.56 -45.61
N LEU C 40 6.90 -14.78 -45.13
CA LEU C 40 7.84 -15.73 -45.69
C LEU C 40 7.09 -16.83 -46.43
N THR C 41 7.41 -17.00 -47.71
CA THR C 41 6.67 -17.91 -48.57
C THR C 41 7.56 -19.03 -49.10
N GLY C 42 8.37 -19.62 -48.22
CA GLY C 42 9.26 -20.67 -48.63
C GLY C 42 10.68 -20.15 -48.81
N VAL C 43 11.50 -20.36 -47.81
CA VAL C 43 12.86 -19.84 -47.78
C VAL C 43 13.82 -21.01 -47.60
N GLU C 44 14.87 -21.05 -48.41
CA GLU C 44 15.97 -21.99 -48.26
C GLU C 44 17.28 -21.21 -48.19
N LEU C 45 18.15 -21.62 -47.28
CA LEU C 45 19.43 -20.93 -47.12
C LEU C 45 20.41 -21.83 -46.39
N VAL C 46 21.59 -22.01 -46.97
CA VAL C 46 22.63 -22.82 -46.37
C VAL C 46 23.89 -21.97 -46.28
N VAL C 47 24.48 -21.90 -45.09
CA VAL C 47 25.70 -21.13 -44.88
C VAL C 47 26.76 -22.05 -44.28
N LYS C 48 28.01 -21.78 -44.57
CA LYS C 48 29.13 -22.56 -44.06
C LYS C 48 29.86 -21.77 -42.98
N ARG C 49 30.93 -22.37 -42.46
CA ARG C 49 31.69 -21.74 -41.39
C ARG C 49 32.53 -20.60 -41.95
N GLY C 50 32.47 -19.45 -41.32
CA GLY C 50 33.31 -18.33 -41.68
C GLY C 50 32.81 -17.47 -42.82
N GLU C 51 31.70 -17.85 -43.46
CA GLU C 51 31.20 -17.06 -44.57
C GLU C 51 30.67 -15.72 -44.08
N THR C 52 30.63 -14.75 -44.99
CA THR C 52 30.07 -13.43 -44.72
C THR C 52 28.95 -13.18 -45.72
N ILE C 53 27.72 -13.15 -45.23
CA ILE C 53 26.55 -12.98 -46.08
C ILE C 53 25.87 -11.68 -45.73
N ALA C 54 25.68 -10.83 -46.73
CA ALA C 54 24.91 -9.61 -46.59
C ALA C 54 23.53 -9.82 -47.19
N LEU C 55 22.52 -9.34 -46.48
CA LEU C 55 21.13 -9.51 -46.88
C LEU C 55 20.54 -8.15 -47.20
N VAL C 56 19.95 -8.03 -48.38
CA VAL C 56 19.36 -6.78 -48.83
C VAL C 56 17.92 -7.04 -49.26
N GLY C 57 17.16 -5.97 -49.36
CA GLY C 57 15.78 -6.08 -49.78
C GLY C 57 15.05 -4.79 -49.52
N GLU C 58 13.87 -4.68 -50.12
CA GLU C 58 13.05 -3.49 -49.96
C GLU C 58 12.52 -3.40 -48.54
N SER C 59 12.17 -2.19 -48.14
CA SER C 59 11.62 -1.98 -46.81
C SER C 59 10.31 -2.75 -46.67
N GLY C 60 10.11 -3.36 -45.51
CA GLY C 60 8.92 -4.15 -45.31
C GLY C 60 8.92 -5.47 -46.04
N SER C 61 10.07 -5.95 -46.46
CA SER C 61 10.16 -7.26 -47.08
C SER C 61 10.30 -8.39 -46.07
N GLY C 62 10.47 -8.07 -44.80
CA GLY C 62 10.57 -9.08 -43.77
C GLY C 62 11.98 -9.46 -43.36
N LYS C 63 12.98 -8.65 -43.68
CA LYS C 63 14.35 -9.02 -43.37
C LYS C 63 14.56 -9.20 -41.87
N SER C 64 14.03 -8.28 -41.07
CA SER C 64 14.19 -8.40 -39.62
C SER C 64 13.51 -9.66 -39.10
N THR C 65 12.35 -10.01 -39.67
CA THR C 65 11.68 -11.22 -39.23
C THR C 65 12.51 -12.46 -39.54
N LEU C 66 13.09 -12.51 -40.74
CA LEU C 66 13.94 -13.65 -41.09
C LEU C 66 15.14 -13.72 -40.16
N LEU C 67 15.76 -12.59 -39.87
CA LEU C 67 16.89 -12.59 -38.96
C LEU C 67 16.49 -13.10 -37.59
N ALA C 68 15.35 -12.64 -37.09
CA ALA C 68 14.91 -13.07 -35.77
C ALA C 68 14.65 -14.57 -35.73
N ILE C 69 13.99 -15.10 -36.77
CA ILE C 69 13.68 -16.52 -36.75
C ILE C 69 14.93 -17.36 -36.94
N LEU C 70 15.95 -16.82 -37.62
CA LEU C 70 17.18 -17.56 -37.78
C LEU C 70 17.87 -17.78 -36.45
N ALA C 71 17.82 -16.79 -35.56
CA ALA C 71 18.51 -16.87 -34.28
C ALA C 71 17.68 -17.56 -33.21
N GLY C 72 16.50 -18.05 -33.55
CA GLY C 72 15.71 -18.75 -32.56
C GLY C 72 15.02 -17.87 -31.56
N LEU C 73 14.94 -16.56 -31.82
CA LEU C 73 14.20 -15.68 -30.92
C LEU C 73 12.71 -15.93 -30.97
N ASP C 74 12.21 -16.59 -32.00
CA ASP C 74 10.79 -16.88 -32.13
C ASP C 74 10.63 -18.18 -32.90
N ASP C 75 9.42 -18.41 -33.41
CA ASP C 75 9.10 -19.63 -34.13
C ASP C 75 8.45 -19.27 -35.46
N GLY C 76 8.85 -19.97 -36.51
CA GLY C 76 8.23 -19.79 -37.80
C GLY C 76 6.90 -20.51 -37.90
N SER C 77 6.14 -20.15 -38.92
CA SER C 77 4.86 -20.83 -39.15
C SER C 77 5.08 -22.29 -39.48
N SER C 78 6.07 -22.59 -40.32
CA SER C 78 6.42 -23.96 -40.66
C SER C 78 7.76 -23.95 -41.39
N GLY C 79 8.46 -25.07 -41.31
CA GLY C 79 9.74 -25.21 -41.97
C GLY C 79 10.78 -25.89 -41.11
N GLU C 80 12.00 -25.98 -41.63
CA GLU C 80 13.10 -26.63 -40.92
C GLU C 80 14.23 -25.62 -40.74
N VAL C 81 14.61 -25.37 -39.49
CA VAL C 81 15.69 -24.46 -39.17
C VAL C 81 16.69 -25.19 -38.29
N SER C 82 17.93 -25.26 -38.74
CA SER C 82 18.99 -25.90 -37.99
C SER C 82 20.13 -24.92 -37.83
N LEU C 83 20.60 -24.77 -36.58
CA LEU C 83 21.71 -23.88 -36.26
C LEU C 83 22.78 -24.69 -35.57
N VAL C 84 23.98 -24.69 -36.15
CA VAL C 84 25.12 -25.43 -35.62
C VAL C 84 24.70 -26.89 -35.40
N GLY C 85 23.97 -27.45 -36.35
CA GLY C 85 23.52 -28.82 -36.25
C GLY C 85 22.52 -29.08 -35.14
N GLN C 86 21.55 -28.19 -34.95
CA GLN C 86 20.47 -28.43 -34.01
C GLN C 86 19.15 -27.97 -34.61
N PRO C 87 18.19 -28.85 -34.77
CA PRO C 87 16.92 -28.45 -35.40
C PRO C 87 16.10 -27.55 -34.50
N LEU C 88 16.09 -26.25 -34.81
CA LEU C 88 15.57 -25.24 -33.89
C LEU C 88 14.10 -25.43 -33.56
N HIS C 89 13.38 -26.23 -34.34
CA HIS C 89 11.98 -26.47 -34.08
C HIS C 89 11.74 -27.60 -33.08
N ASN C 90 12.79 -28.17 -32.51
CA ASN C 90 12.67 -29.37 -31.68
C ASN C 90 13.28 -29.19 -30.30
N MET C 91 13.21 -27.98 -29.74
CA MET C 91 13.50 -27.80 -28.32
C MET C 91 12.64 -26.67 -27.78
N ASP C 92 12.50 -26.65 -26.46
CA ASP C 92 11.69 -25.67 -25.78
C ASP C 92 12.47 -24.36 -25.67
N GLU C 93 11.96 -23.44 -24.87
CA GLU C 93 12.58 -22.13 -24.77
C GLU C 93 13.94 -22.20 -24.08
N GLU C 94 14.06 -23.05 -23.05
CA GLU C 94 15.28 -23.05 -22.25
C GLU C 94 16.48 -23.50 -23.07
N ALA C 95 16.33 -24.54 -23.88
CA ALA C 95 17.45 -24.99 -24.69
C ALA C 95 17.84 -23.94 -25.72
N ARG C 96 16.85 -23.26 -26.30
CA ARG C 96 17.14 -22.18 -27.25
C ARG C 96 17.92 -21.07 -26.56
N ALA C 97 17.50 -20.70 -25.35
CA ALA C 97 18.20 -19.64 -24.64
C ALA C 97 19.63 -20.05 -24.33
N LYS C 98 19.82 -21.31 -23.93
CA LYS C 98 21.18 -21.78 -23.66
C LYS C 98 22.03 -21.73 -24.92
N LEU C 99 21.47 -22.14 -26.06
CA LEU C 99 22.22 -22.10 -27.30
C LEU C 99 22.59 -20.67 -27.68
N ARG C 100 21.63 -19.74 -27.52
CA ARG C 100 21.90 -18.35 -27.82
C ARG C 100 23.03 -17.81 -26.95
N ALA C 101 22.96 -18.09 -25.65
CA ALA C 101 24.01 -17.63 -24.75
C ALA C 101 25.35 -18.25 -25.11
N LYS C 102 25.33 -19.47 -25.61
CA LYS C 102 26.58 -20.15 -25.90
C LYS C 102 27.24 -19.62 -27.17
N HIS C 103 26.47 -19.34 -28.21
CA HIS C 103 27.10 -19.15 -29.51
C HIS C 103 26.77 -17.84 -30.21
N VAL C 104 25.56 -17.33 -30.07
CA VAL C 104 25.05 -16.31 -30.98
C VAL C 104 25.23 -14.92 -30.39
N GLY C 105 25.58 -13.96 -31.25
CA GLY C 105 25.50 -12.55 -30.91
C GLY C 105 24.53 -11.86 -31.83
N PHE C 106 23.84 -10.84 -31.29
CA PHE C 106 22.76 -10.19 -32.01
C PHE C 106 22.83 -8.68 -31.87
N VAL C 107 22.51 -7.97 -32.96
CA VAL C 107 22.37 -6.52 -32.96
C VAL C 107 21.04 -6.17 -33.61
N PHE C 108 20.19 -5.47 -32.87
CA PHE C 108 18.82 -5.22 -33.29
C PHE C 108 18.71 -3.89 -34.03
N GLN C 109 17.52 -3.63 -34.56
CA GLN C 109 17.27 -2.38 -35.27
C GLN C 109 17.15 -1.21 -34.29
N SER C 110 16.46 -1.41 -33.17
CA SER C 110 16.29 -0.37 -32.16
C SER C 110 17.27 -0.50 -31.00
N PHE C 111 18.11 -1.53 -31.01
CA PHE C 111 19.24 -1.74 -30.09
C PHE C 111 18.80 -2.11 -28.68
N MET C 112 17.52 -1.93 -28.36
CA MET C 112 16.95 -2.24 -27.05
C MET C 112 17.92 -2.00 -25.88
N LEU C 113 18.57 -0.84 -25.87
CA LEU C 113 19.41 -0.51 -24.72
C LEU C 113 18.56 -0.28 -23.49
N ILE C 114 19.03 -0.76 -22.35
CA ILE C 114 18.31 -0.57 -21.09
C ILE C 114 18.53 0.87 -20.64
N PRO C 115 17.47 1.67 -20.52
CA PRO C 115 17.67 3.09 -20.17
C PRO C 115 18.15 3.31 -18.76
N THR C 116 18.00 2.32 -17.87
CA THR C 116 18.35 2.54 -16.48
C THR C 116 19.86 2.59 -16.27
N LEU C 117 20.60 1.68 -16.89
CA LEU C 117 22.02 1.57 -16.66
C LEU C 117 22.80 2.28 -17.75
N ASN C 118 23.99 2.76 -17.39
CA ASN C 118 24.82 3.49 -18.32
C ASN C 118 25.38 2.55 -19.38
N ALA C 119 26.22 3.11 -20.27
CA ALA C 119 26.75 2.34 -21.38
C ALA C 119 27.64 1.21 -20.89
N LEU C 120 28.45 1.47 -19.87
CA LEU C 120 29.41 0.47 -19.44
C LEU C 120 28.72 -0.81 -18.98
N GLU C 121 27.63 -0.68 -18.23
CA GLU C 121 26.91 -1.87 -17.79
C GLU C 121 26.28 -2.59 -18.97
N ASN C 122 25.76 -1.83 -19.94
CA ASN C 122 25.15 -2.45 -21.11
C ASN C 122 26.17 -3.30 -21.86
N VAL C 123 27.38 -2.80 -22.02
CA VAL C 123 28.41 -3.62 -22.65
C VAL C 123 28.86 -4.73 -21.71
N GLU C 124 28.81 -4.51 -20.41
CA GLU C 124 29.28 -5.51 -19.45
C GLU C 124 28.42 -6.76 -19.48
N LEU C 125 27.13 -6.60 -19.70
CA LEU C 125 26.11 -7.63 -19.54
C LEU C 125 26.55 -9.03 -20.00
N PRO C 126 26.93 -9.24 -21.26
CA PRO C 126 27.20 -10.61 -21.70
C PRO C 126 28.35 -11.26 -20.96
N ALA C 127 29.37 -10.51 -20.59
CA ALA C 127 30.47 -11.09 -19.84
C ALA C 127 30.01 -11.59 -18.48
N LEU C 128 29.17 -10.81 -17.80
CA LEU C 128 28.63 -11.27 -16.52
C LEU C 128 27.79 -12.51 -16.71
N LEU C 129 27.03 -12.57 -17.80
CA LEU C 129 26.24 -13.77 -18.07
C LEU C 129 27.16 -14.97 -18.27
N ARG C 130 28.27 -14.79 -18.98
CA ARG C 130 29.21 -15.88 -19.18
C ARG C 130 29.78 -16.36 -17.85
N GLY C 131 30.07 -15.43 -16.94
CA GLY C 131 30.51 -15.81 -15.62
C GLY C 131 31.92 -15.38 -15.27
N GLU C 132 32.36 -14.25 -15.79
CA GLU C 132 33.67 -13.72 -15.45
C GLU C 132 33.58 -12.91 -14.16
N SER C 133 34.75 -12.63 -13.58
CA SER C 133 34.79 -11.76 -12.42
C SER C 133 34.36 -10.35 -12.81
N SER C 134 33.79 -9.64 -11.86
CA SER C 134 33.24 -8.32 -12.17
C SER C 134 34.32 -7.36 -12.65
N ALA C 135 35.48 -7.38 -12.00
CA ALA C 135 36.56 -6.48 -12.40
C ALA C 135 37.08 -6.83 -13.80
N GLU C 136 37.25 -8.12 -14.07
CA GLU C 136 37.74 -8.55 -15.38
C GLU C 136 36.79 -8.11 -16.47
N SER C 137 35.50 -8.36 -16.28
CA SER C 137 34.50 -7.93 -17.25
C SER C 137 34.49 -6.43 -17.40
N ARG C 138 34.62 -5.70 -16.28
CA ARG C 138 34.61 -4.24 -16.35
C ARG C 138 35.73 -3.73 -17.22
N ASN C 139 36.97 -4.17 -16.95
CA ASN C 139 38.08 -3.65 -17.72
C ASN C 139 38.02 -4.11 -19.18
N GLY C 140 37.54 -5.33 -19.42
CA GLY C 140 37.40 -5.78 -20.80
C GLY C 140 36.41 -4.94 -21.58
N ALA C 141 35.25 -4.68 -20.99
CA ALA C 141 34.25 -3.85 -21.65
C ALA C 141 34.78 -2.45 -21.86
N LYS C 142 35.53 -1.92 -20.89
CA LYS C 142 36.11 -0.59 -21.06
C LYS C 142 37.07 -0.56 -22.24
N ALA C 143 37.93 -1.57 -22.34
CA ALA C 143 38.89 -1.61 -23.45
C ALA C 143 38.16 -1.71 -24.78
N LEU C 144 37.13 -2.56 -24.85
CA LEU C 144 36.39 -2.69 -26.11
C LEU C 144 35.70 -1.40 -26.49
N LEU C 145 35.06 -0.74 -25.51
CA LEU C 145 34.35 0.50 -25.80
C LEU C 145 35.31 1.58 -26.26
N GLU C 146 36.48 1.67 -25.61
CA GLU C 146 37.50 2.62 -26.07
C GLU C 146 37.93 2.29 -27.49
N GLN C 147 38.05 0.99 -27.80
CA GLN C 147 38.40 0.58 -29.15
C GLN C 147 37.38 1.06 -30.16
N LEU C 148 36.09 0.99 -29.80
CA LEU C 148 35.05 1.42 -30.72
C LEU C 148 34.99 2.94 -30.89
N GLY C 149 35.73 3.69 -30.09
CA GLY C 149 35.72 5.14 -30.23
C GLY C 149 34.62 5.80 -29.43
N LEU C 150 34.45 5.38 -28.19
CA LEU C 150 33.47 5.97 -27.29
C LEU C 150 34.05 6.20 -25.91
N GLY C 151 35.36 6.48 -25.84
CA GLY C 151 36.03 6.50 -24.55
C GLY C 151 35.65 7.65 -23.65
N LYS C 152 34.89 8.63 -24.16
CA LYS C 152 34.55 9.81 -23.38
C LYS C 152 33.10 9.85 -22.92
N ARG C 153 32.34 8.79 -23.17
CA ARG C 153 30.93 8.77 -22.80
C ARG C 153 30.60 7.53 -21.99
N LEU C 154 31.52 7.12 -21.12
CA LEU C 154 31.37 5.84 -20.45
C LEU C 154 30.16 5.82 -19.54
N ASP C 155 29.94 6.88 -18.78
CA ASP C 155 28.90 6.89 -17.76
C ASP C 155 27.58 7.46 -18.25
N HIS C 156 27.48 7.79 -19.54
CA HIS C 156 26.25 8.37 -20.06
C HIS C 156 25.14 7.33 -20.11
N LEU C 157 23.92 7.77 -19.85
CA LEU C 157 22.76 6.92 -20.04
C LEU C 157 22.40 6.82 -21.52
N PRO C 158 21.68 5.78 -21.92
CA PRO C 158 21.34 5.64 -23.35
C PRO C 158 20.60 6.83 -23.91
N ALA C 159 19.73 7.46 -23.11
CA ALA C 159 19.04 8.65 -23.59
C ALA C 159 20.03 9.79 -23.84
N GLN C 160 21.05 9.90 -23.00
CA GLN C 160 22.00 10.99 -23.15
C GLN C 160 22.81 10.88 -24.44
N LEU C 161 22.93 9.70 -25.01
CA LEU C 161 23.76 9.52 -26.19
C LEU C 161 22.99 9.93 -27.44
N SER C 162 23.61 9.75 -28.60
CA SER C 162 22.98 10.00 -29.89
C SER C 162 22.78 8.68 -30.61
N GLY C 163 22.23 8.78 -31.83
CA GLY C 163 21.96 7.57 -32.60
C GLY C 163 23.22 6.78 -32.89
N GLY C 164 24.26 7.47 -33.35
CA GLY C 164 25.51 6.78 -33.64
C GLY C 164 26.10 6.13 -32.40
N GLU C 165 26.08 6.85 -31.28
CA GLU C 165 26.64 6.30 -30.06
C GLU C 165 25.85 5.10 -29.59
N GLN C 166 24.52 5.15 -29.67
CA GLN C 166 23.72 4.00 -29.27
C GLN C 166 24.00 2.80 -30.16
N GLN C 167 24.10 3.02 -31.47
CA GLN C 167 24.41 1.91 -32.36
C GLN C 167 25.77 1.31 -32.03
N ARG C 168 26.76 2.16 -31.80
CA ARG C 168 28.08 1.64 -31.46
C ARG C 168 28.05 0.90 -30.12
N VAL C 169 27.21 1.34 -29.19
CA VAL C 169 27.07 0.61 -27.93
C VAL C 169 26.52 -0.78 -28.17
N ALA C 170 25.49 -0.88 -29.01
CA ALA C 170 24.94 -2.20 -29.31
C ALA C 170 25.99 -3.08 -29.97
N LEU C 171 26.76 -2.52 -30.90
CA LEU C 171 27.82 -3.28 -31.55
C LEU C 171 28.86 -3.72 -30.54
N ALA C 172 29.20 -2.85 -29.59
CA ALA C 172 30.15 -3.24 -28.56
C ALA C 172 29.64 -4.40 -27.73
N ARG C 173 28.35 -4.38 -27.41
CA ARG C 173 27.78 -5.50 -26.66
C ARG C 173 27.90 -6.80 -27.46
N ALA C 174 27.55 -6.75 -28.74
CA ALA C 174 27.65 -7.94 -29.55
C ALA C 174 29.09 -8.44 -29.63
N PHE C 175 30.03 -7.53 -29.82
CA PHE C 175 31.44 -7.93 -29.89
C PHE C 175 31.91 -8.55 -28.59
N ASN C 176 31.54 -7.93 -27.46
CA ASN C 176 31.93 -8.48 -26.16
C ASN C 176 31.36 -9.86 -25.98
N GLY C 177 30.23 -10.15 -26.62
CA GLY C 177 29.75 -11.52 -26.62
C GLY C 177 30.77 -12.50 -27.15
N ARG C 178 31.64 -12.06 -28.06
CA ARG C 178 32.65 -12.91 -28.67
C ARG C 178 32.03 -14.15 -29.31
N PRO C 179 31.10 -13.97 -30.24
CA PRO C 179 30.22 -15.07 -30.64
C PRO C 179 30.80 -15.91 -31.77
N ASP C 180 30.24 -17.10 -31.92
CA ASP C 180 30.57 -17.92 -33.08
C ASP C 180 29.86 -17.40 -34.33
N VAL C 181 28.62 -16.94 -34.18
CA VAL C 181 27.83 -16.41 -35.28
C VAL C 181 27.26 -15.08 -34.85
N LEU C 182 27.36 -14.07 -35.72
CA LEU C 182 26.95 -12.72 -35.39
C LEU C 182 25.89 -12.24 -36.37
N PHE C 183 24.73 -11.88 -35.85
CA PHE C 183 23.63 -11.33 -36.63
C PHE C 183 23.54 -9.83 -36.39
N ALA C 184 23.40 -9.06 -37.46
CA ALA C 184 23.35 -7.61 -37.34
C ALA C 184 22.21 -7.07 -38.19
N ASP C 185 21.47 -6.10 -37.63
CA ASP C 185 20.45 -5.38 -38.36
C ASP C 185 20.95 -3.97 -38.62
N GLU C 186 21.41 -3.72 -39.84
CA GLU C 186 21.88 -2.41 -40.26
C GLU C 186 22.97 -1.92 -39.30
N PRO C 187 24.15 -2.52 -39.32
CA PRO C 187 25.22 -2.05 -38.43
C PRO C 187 25.58 -0.59 -38.66
N THR C 188 25.49 -0.12 -39.88
CA THR C 188 25.90 1.24 -40.24
C THR C 188 24.71 2.12 -40.59
N GLY C 189 23.59 1.90 -39.92
CA GLY C 189 22.39 2.65 -40.26
C GLY C 189 22.55 4.14 -40.00
N ASN C 190 23.05 4.50 -38.82
CA ASN C 190 23.12 5.88 -38.37
C ASN C 190 24.55 6.40 -38.35
N LEU C 191 25.38 5.94 -39.29
CA LEU C 191 26.78 6.29 -39.30
C LEU C 191 27.16 6.90 -40.64
N ASP C 192 28.12 7.81 -40.59
CA ASP C 192 28.62 8.47 -41.78
C ASP C 192 29.52 7.52 -42.55
N ARG C 193 30.25 8.04 -43.53
CA ARG C 193 31.20 7.21 -44.26
C ARG C 193 32.39 6.83 -43.38
N GLN C 194 32.86 7.75 -42.54
CA GLN C 194 34.04 7.46 -41.73
C GLN C 194 33.75 6.40 -40.68
N THR C 195 32.81 6.69 -39.79
CA THR C 195 32.50 5.75 -38.72
C THR C 195 32.00 4.42 -39.28
N GLY C 196 31.24 4.48 -40.37
CA GLY C 196 30.83 3.25 -41.03
C GLY C 196 32.01 2.45 -41.54
N ASP C 197 33.01 3.13 -42.09
CA ASP C 197 34.20 2.43 -42.57
C ASP C 197 34.95 1.77 -41.42
N LYS C 198 35.11 2.50 -40.31
CA LYS C 198 35.79 1.90 -39.16
C LYS C 198 35.02 0.71 -38.62
N ILE C 199 33.69 0.81 -38.57
CA ILE C 199 32.88 -0.31 -38.10
C ILE C 199 33.03 -1.51 -39.02
N ALA C 200 33.00 -1.28 -40.33
CA ALA C 200 33.17 -2.39 -41.27
C ALA C 200 34.54 -3.03 -41.12
N ASP C 201 35.58 -2.21 -40.95
CA ASP C 201 36.91 -2.76 -40.73
C ASP C 201 36.94 -3.61 -39.47
N LEU C 202 36.27 -3.13 -38.41
CA LEU C 202 36.22 -3.90 -37.17
C LEU C 202 35.56 -5.25 -37.40
N LEU C 203 34.42 -5.25 -38.09
CA LEU C 203 33.70 -6.49 -38.30
C LEU C 203 34.52 -7.47 -39.13
N PHE C 204 35.14 -6.99 -40.21
CA PHE C 204 35.87 -7.89 -41.08
C PHE C 204 37.16 -8.38 -40.44
N SER C 205 37.81 -7.54 -39.63
CA SER C 205 38.95 -8.00 -38.86
C SER C 205 38.53 -9.08 -37.88
N LEU C 206 37.37 -8.90 -37.24
CA LEU C 206 36.89 -9.93 -36.33
C LEU C 206 36.64 -11.24 -37.06
N ASN C 207 36.03 -11.17 -38.24
CA ASN C 207 35.78 -12.37 -39.02
C ASN C 207 37.08 -13.06 -39.40
N ARG C 208 38.07 -12.28 -39.84
CA ARG C 208 39.35 -12.86 -40.21
C ARG C 208 40.03 -13.53 -39.03
N GLU C 209 39.96 -12.90 -37.86
CA GLU C 209 40.71 -13.41 -36.72
C GLU C 209 40.00 -14.59 -36.08
N HIS C 210 38.79 -14.38 -35.57
CA HIS C 210 38.12 -15.41 -34.80
C HIS C 210 37.33 -16.38 -35.68
N GLY C 211 37.28 -16.14 -36.98
CA GLY C 211 36.51 -17.03 -37.85
C GLY C 211 35.03 -17.06 -37.51
N THR C 212 34.44 -15.90 -37.26
CA THR C 212 33.05 -15.79 -36.85
C THR C 212 32.17 -15.53 -38.06
N THR C 213 31.18 -16.39 -38.27
CA THR C 213 30.25 -16.19 -39.38
C THR C 213 29.46 -14.92 -39.15
N LEU C 214 29.24 -14.18 -40.24
CA LEU C 214 28.61 -12.86 -40.18
C LEU C 214 27.38 -12.84 -41.05
N ILE C 215 26.22 -12.57 -40.46
CA ILE C 215 24.99 -12.31 -41.19
C ILE C 215 24.58 -10.87 -40.89
N MET C 216 24.33 -10.09 -41.92
CA MET C 216 23.97 -8.70 -41.72
C MET C 216 22.93 -8.26 -42.73
N VAL C 217 21.93 -7.53 -42.24
CA VAL C 217 20.93 -6.90 -43.09
C VAL C 217 21.34 -5.45 -43.25
N THR C 218 21.76 -5.07 -44.45
CA THR C 218 22.35 -3.77 -44.67
C THR C 218 21.68 -3.08 -45.85
N HIS C 219 21.79 -1.75 -45.85
CA HIS C 219 21.36 -0.95 -46.98
C HIS C 219 22.53 -0.34 -47.75
N ASP C 220 23.69 -0.22 -47.13
CA ASP C 220 24.85 0.29 -47.84
C ASP C 220 25.29 -0.68 -48.92
N LEU C 221 25.60 -0.15 -50.09
CA LEU C 221 26.10 -0.99 -51.16
C LEU C 221 27.56 -1.35 -50.97
N GLN C 222 28.34 -0.47 -50.33
CA GLN C 222 29.76 -0.76 -50.11
C GLN C 222 29.93 -1.95 -49.19
N LEU C 223 29.19 -1.98 -48.08
CA LEU C 223 29.32 -3.09 -47.15
C LEU C 223 28.90 -4.41 -47.79
N ALA C 224 27.82 -4.38 -48.58
CA ALA C 224 27.41 -5.58 -49.29
C ALA C 224 28.48 -6.03 -50.27
N ALA C 225 29.10 -5.07 -50.97
CA ALA C 225 30.15 -5.40 -51.92
C ALA C 225 31.33 -6.05 -51.20
N ARG C 226 31.66 -5.56 -50.01
CA ARG C 226 32.73 -6.17 -49.23
C ARG C 226 32.39 -7.57 -48.75
N CYS C 227 31.10 -7.91 -48.68
CA CYS C 227 30.70 -9.19 -48.13
C CYS C 227 30.93 -10.31 -49.14
N ASP C 228 31.01 -11.53 -48.62
CA ASP C 228 31.28 -12.69 -49.47
C ASP C 228 30.09 -12.98 -50.39
N ARG C 229 28.89 -13.03 -49.83
CA ARG C 229 27.71 -13.33 -50.63
C ARG C 229 26.66 -12.26 -50.39
N CYS C 230 25.82 -12.03 -51.39
CA CYS C 230 24.75 -11.04 -51.30
C CYS C 230 23.44 -11.71 -51.66
N LEU C 231 22.48 -11.64 -50.75
CA LEU C 231 21.19 -12.29 -50.92
C LEU C 231 20.09 -11.26 -50.85
N ARG C 232 19.23 -11.24 -51.85
CA ARG C 232 18.11 -10.31 -51.91
C ARG C 232 16.82 -11.03 -51.53
N LEU C 233 16.02 -10.37 -50.70
CA LEU C 233 14.77 -10.93 -50.23
C LEU C 233 13.62 -10.31 -51.04
N VAL C 234 12.96 -11.14 -51.84
CA VAL C 234 11.88 -10.70 -52.71
C VAL C 234 10.73 -11.70 -52.59
N ASN C 235 9.54 -11.20 -52.24
CA ASN C 235 8.33 -12.02 -52.16
C ASN C 235 8.53 -13.20 -51.22
N GLY C 236 9.21 -12.96 -50.10
CA GLY C 236 9.49 -14.05 -49.18
C GLY C 236 10.32 -15.15 -49.80
N GLN C 237 11.28 -14.78 -50.65
CA GLN C 237 12.17 -15.73 -51.28
C GLN C 237 13.56 -15.13 -51.35
N LEU C 238 14.56 -16.00 -51.40
CA LEU C 238 15.96 -15.59 -51.43
C LEU C 238 16.51 -15.73 -52.84
N GLN C 239 17.16 -14.68 -53.32
CA GLN C 239 17.77 -14.69 -54.64
C GLN C 239 19.21 -14.25 -54.53
N GLU C 240 20.13 -15.01 -55.11
CA GLU C 240 21.53 -14.63 -55.10
C GLU C 240 21.78 -13.47 -56.04
N GLU C 241 22.44 -12.43 -55.54
CA GLU C 241 22.73 -11.26 -56.36
C GLU C 241 24.11 -11.30 -56.97
N ALA C 242 25.07 -11.94 -56.29
CA ALA C 242 26.44 -12.03 -56.79
C ALA C 242 27.19 -13.15 -56.09
#